data_3TC9
#
_entry.id   3TC9
#
_cell.length_a   239.670
_cell.length_b   51.250
_cell.length_c   75.990
_cell.angle_alpha   90.000
_cell.angle_beta   93.610
_cell.angle_gamma   90.000
#
_symmetry.space_group_name_H-M   'C 1 2 1'
#
loop_
_entity.id
_entity.type
_entity.pdbx_description
1 polymer 'Hypothetical hydrolase'
2 non-polymer 'PHOSPHATE ION'
3 non-polymer 1,2-ETHANEDIOL
4 non-polymer 'CHLORIDE ION'
5 water water
#
_entity_poly.entity_id   1
_entity_poly.type   'polypeptide(L)'
_entity_poly.pdbx_seq_one_letter_code
;GCKDNDDATGDFDPNKPVVISEFSPKEGGLGTR(MSE)LLYGENFGSDISKIKVTIGGQDSKVVGAKGKSLYCVVPAKAY
DGDIKLSILNDEGEEIANTEANEKFVYQKK(MSE)LVTTFLGT(MSE)YDGNTKYDLKDGPFDDCGGFGGAVWLSFDPKN
HNHLYLVGEQHPTRLIDFEKEYVSTVYSGLSKVRTICWTHEADS(MSE)IITNDQNNNDRPNNYILTRESGFKVITELTK
GQNCNGAETHPINGELYFNSWNAGQVFRYDFTTQETTPLFTIQDSGWEFHIQFHPSGNYAYIVVVNQHYILRSDYDWKTK
RLTTPYIVCGQQGAKDWVDGVGKKAR(MSE)HAPRQGTFVKNPAYKGSSDEYDFYFCDRENHCIRILTPQGRVTTFAGRG
SNGTSGYNDGDLRQEARFNHPEGIVYDEERECFFIGDRENRRIRKIGYEE
;
_entity_poly.pdbx_strand_id   A,B
#
# COMPACT_ATOMS: atom_id res chain seq x y z
N GLY A 10 19.84 -40.47 -22.81
CA GLY A 10 19.94 -39.85 -24.13
C GLY A 10 21.20 -39.05 -24.35
N ASP A 11 21.91 -39.34 -25.45
CA ASP A 11 23.12 -38.61 -25.85
C ASP A 11 22.77 -37.49 -26.84
N PHE A 12 23.53 -36.37 -26.80
CA PHE A 12 23.29 -35.24 -27.69
C PHE A 12 23.71 -35.60 -29.11
N ASP A 13 22.85 -35.29 -30.09
CA ASP A 13 23.16 -35.53 -31.51
C ASP A 13 23.37 -34.18 -32.18
N PRO A 14 24.62 -33.86 -32.57
CA PRO A 14 24.89 -32.57 -33.23
C PRO A 14 24.11 -32.31 -34.52
N ASN A 15 23.62 -33.37 -35.19
CA ASN A 15 22.88 -33.18 -36.46
C ASN A 15 21.36 -33.13 -36.28
N LYS A 16 20.89 -32.97 -35.03
CA LYS A 16 19.46 -32.91 -34.76
C LYS A 16 19.12 -31.63 -34.08
N PRO A 17 17.95 -31.02 -34.35
CA PRO A 17 17.61 -29.80 -33.64
C PRO A 17 17.40 -30.03 -32.13
N VAL A 18 17.52 -28.94 -31.38
CA VAL A 18 17.29 -28.91 -29.95
C VAL A 18 15.94 -28.15 -29.79
N VAL A 19 14.98 -28.76 -29.05
CA VAL A 19 13.62 -28.25 -28.91
C VAL A 19 13.16 -28.27 -27.46
N ILE A 20 12.43 -27.22 -27.02
CA ILE A 20 11.77 -27.09 -25.72
C ILE A 20 10.26 -27.24 -26.00
N SER A 21 9.65 -28.27 -25.42
CA SER A 21 8.25 -28.56 -25.61
C SER A 21 7.43 -27.97 -24.46
N GLU A 22 7.97 -27.99 -23.21
CA GLU A 22 7.28 -27.40 -22.06
C GLU A 22 8.21 -27.26 -20.85
N PHE A 23 7.78 -26.44 -19.88
CA PHE A 23 8.49 -26.22 -18.64
C PHE A 23 7.50 -26.10 -17.47
N SER A 24 7.96 -26.49 -16.27
CA SER A 24 7.15 -26.38 -15.09
C SER A 24 8.05 -26.16 -13.86
N PRO A 25 7.58 -25.42 -12.81
CA PRO A 25 6.29 -24.70 -12.74
C PRO A 25 6.34 -23.46 -13.62
N LYS A 26 5.15 -22.95 -13.99
CA LYS A 26 4.94 -21.78 -14.83
C LYS A 26 5.30 -20.49 -14.08
N GLU A 27 5.25 -20.58 -12.74
CA GLU A 27 5.45 -19.48 -11.80
C GLU A 27 6.38 -19.90 -10.67
N GLY A 28 7.08 -18.92 -10.12
CA GLY A 28 7.98 -19.08 -8.98
C GLY A 28 8.86 -17.86 -8.85
N GLY A 29 10.02 -18.05 -8.27
CA GLY A 29 10.99 -16.99 -8.09
C GLY A 29 12.38 -17.56 -7.92
N LEU A 30 13.21 -16.84 -7.17
CA LEU A 30 14.60 -17.19 -6.89
C LEU A 30 14.67 -18.58 -6.25
N GLY A 31 15.50 -19.43 -6.85
CA GLY A 31 15.72 -20.79 -6.36
C GLY A 31 14.69 -21.84 -6.72
N THR A 32 13.68 -21.48 -7.53
CA THR A 32 12.68 -22.44 -7.99
C THR A 32 13.36 -23.48 -8.86
N ARG A 33 13.09 -24.76 -8.57
CA ARG A 33 13.61 -25.91 -9.33
CA ARG A 33 13.60 -25.90 -9.31
C ARG A 33 12.71 -26.07 -10.55
N LEU A 35 11.69 -27.68 -14.32
CA LEU A 35 11.79 -28.90 -15.14
C LEU A 35 11.47 -28.51 -16.56
N LEU A 36 12.43 -28.74 -17.45
CA LEU A 36 12.34 -28.40 -18.86
C LEU A 36 12.22 -29.66 -19.70
N TYR A 37 11.13 -29.81 -20.48
CA TYR A 37 10.92 -30.95 -21.37
C TYR A 37 11.28 -30.52 -22.77
N GLY A 38 11.73 -31.46 -23.57
CA GLY A 38 12.07 -31.18 -24.94
C GLY A 38 12.76 -32.32 -25.63
N GLU A 39 13.70 -31.98 -26.50
CA GLU A 39 14.43 -32.96 -27.28
C GLU A 39 15.87 -32.59 -27.48
N ASN A 40 16.71 -33.61 -27.55
CA ASN A 40 18.13 -33.54 -27.87
C ASN A 40 18.92 -32.61 -26.94
N PHE A 41 18.75 -32.76 -25.62
CA PHE A 41 19.49 -31.99 -24.63
C PHE A 41 20.83 -32.66 -24.29
N GLY A 42 20.88 -33.98 -24.50
CA GLY A 42 22.01 -34.80 -24.08
C GLY A 42 21.91 -35.04 -22.59
N SER A 43 22.88 -35.72 -22.02
CA SER A 43 22.86 -36.05 -20.59
C SER A 43 24.10 -35.50 -19.86
N ASP A 44 24.85 -34.60 -20.53
CA ASP A 44 26.04 -33.97 -19.95
C ASP A 44 25.73 -32.54 -19.53
N ILE A 45 25.59 -32.35 -18.21
CA ILE A 45 25.25 -31.09 -17.56
C ILE A 45 26.24 -29.97 -17.94
N SER A 46 27.53 -30.32 -18.10
CA SER A 46 28.57 -29.33 -18.40
C SER A 46 28.42 -28.70 -19.80
N LYS A 47 27.67 -29.35 -20.71
CA LYS A 47 27.52 -28.85 -22.06
C LYS A 47 26.15 -28.22 -22.31
N ILE A 48 25.40 -27.93 -21.25
CA ILE A 48 24.10 -27.28 -21.34
C ILE A 48 24.17 -25.92 -20.67
N LYS A 49 23.70 -24.89 -21.39
CA LYS A 49 23.61 -23.52 -20.86
C LYS A 49 22.17 -23.04 -20.94
N VAL A 50 21.57 -22.77 -19.79
CA VAL A 50 20.22 -22.20 -19.73
C VAL A 50 20.32 -20.76 -19.20
N THR A 51 19.64 -19.86 -19.85
CA THR A 51 19.55 -18.45 -19.51
CA THR A 51 19.53 -18.47 -19.40
C THR A 51 18.06 -18.13 -19.29
N ILE A 52 17.69 -17.61 -18.11
CA ILE A 52 16.32 -17.23 -17.78
C ILE A 52 16.36 -15.72 -17.48
N GLY A 53 15.61 -14.92 -18.23
CA GLY A 53 15.57 -13.47 -18.07
C GLY A 53 16.92 -12.80 -18.20
N GLY A 54 17.76 -13.33 -19.11
CA GLY A 54 19.11 -12.85 -19.39
C GLY A 54 20.17 -13.29 -18.37
N GLN A 55 19.79 -14.09 -17.37
CA GLN A 55 20.66 -14.57 -16.31
C GLN A 55 20.94 -16.05 -16.42
N ASP A 56 22.19 -16.47 -16.15
CA ASP A 56 22.61 -17.87 -16.14
C ASP A 56 21.91 -18.67 -15.04
N SER A 57 21.31 -19.78 -15.44
CA SER A 57 20.55 -20.73 -14.63
C SER A 57 21.33 -22.05 -14.58
N LYS A 58 21.76 -22.47 -13.38
CA LYS A 58 22.54 -23.70 -13.18
C LYS A 58 21.68 -24.96 -13.44
N VAL A 59 22.15 -25.80 -14.37
CA VAL A 59 21.54 -27.06 -14.78
C VAL A 59 21.98 -28.08 -13.75
N VAL A 60 21.01 -28.79 -13.16
CA VAL A 60 21.30 -29.70 -12.04
C VAL A 60 21.02 -31.18 -12.40
N GLY A 61 20.36 -31.38 -13.52
CA GLY A 61 20.04 -32.72 -14.03
C GLY A 61 19.77 -32.66 -15.52
N ALA A 62 20.11 -33.74 -16.25
CA ALA A 62 19.85 -33.86 -17.70
C ALA A 62 19.65 -35.33 -18.12
N LYS A 63 18.51 -35.60 -18.76
CA LYS A 63 18.15 -36.97 -19.20
C LYS A 63 17.85 -37.06 -20.73
N GLY A 64 18.38 -36.14 -21.55
CA GLY A 64 18.16 -36.15 -22.99
C GLY A 64 16.86 -35.48 -23.44
N LYS A 65 15.72 -35.94 -22.90
CA LYS A 65 14.35 -35.41 -23.18
C LYS A 65 13.88 -34.45 -22.06
N SER A 66 14.65 -34.37 -20.96
CA SER A 66 14.33 -33.44 -19.87
C SER A 66 15.60 -32.92 -19.20
N LEU A 67 15.45 -31.79 -18.50
CA LEU A 67 16.53 -31.23 -17.71
C LEU A 67 15.93 -30.47 -16.57
N TYR A 68 16.69 -30.36 -15.49
CA TYR A 68 16.37 -29.61 -14.31
C TYR A 68 17.35 -28.45 -14.19
N CYS A 69 16.85 -27.26 -13.88
CA CYS A 69 17.71 -26.11 -13.65
C CYS A 69 17.11 -25.30 -12.49
N VAL A 70 17.86 -24.34 -11.96
CA VAL A 70 17.42 -23.55 -10.80
C VAL A 70 17.29 -22.10 -11.23
N VAL A 71 16.09 -21.52 -11.01
CA VAL A 71 15.82 -20.14 -11.42
C VAL A 71 16.76 -19.19 -10.64
N PRO A 72 17.64 -18.43 -11.33
CA PRO A 72 18.55 -17.54 -10.60
C PRO A 72 17.89 -16.22 -10.15
N ALA A 73 18.62 -15.42 -9.36
CA ALA A 73 18.23 -14.08 -8.99
C ALA A 73 18.25 -13.18 -10.24
N LYS A 74 17.32 -12.18 -10.31
CA LYS A 74 17.24 -11.16 -11.38
C LYS A 74 16.66 -11.67 -12.72
N ALA A 75 16.10 -12.90 -12.73
CA ALA A 75 15.52 -13.54 -13.91
C ALA A 75 14.10 -13.01 -14.22
N TYR A 76 13.84 -11.73 -13.91
CA TYR A 76 12.53 -11.04 -13.93
C TYR A 76 11.73 -11.19 -15.23
N ASP A 77 12.38 -11.05 -16.42
CA ASP A 77 11.72 -11.19 -17.73
C ASP A 77 11.16 -12.60 -18.00
N GLY A 78 11.73 -13.62 -17.36
CA GLY A 78 11.28 -14.99 -17.48
C GLY A 78 11.47 -15.63 -18.83
N ASP A 79 12.15 -14.93 -19.74
CA ASP A 79 12.46 -15.42 -21.06
C ASP A 79 13.50 -16.57 -20.97
N ILE A 80 13.19 -17.79 -21.48
CA ILE A 80 14.06 -18.96 -21.37
C ILE A 80 14.79 -19.26 -22.68
N LYS A 81 16.13 -19.24 -22.63
CA LYS A 81 17.02 -19.59 -23.73
C LYS A 81 17.84 -20.80 -23.31
N LEU A 82 18.08 -21.72 -24.24
CA LEU A 82 18.91 -22.91 -24.03
C LEU A 82 19.93 -23.06 -25.16
N SER A 83 21.20 -23.35 -24.79
CA SER A 83 22.27 -23.62 -25.72
C SER A 83 22.99 -24.88 -25.33
N ILE A 84 23.35 -25.67 -26.34
CA ILE A 84 24.18 -26.84 -26.18
C ILE A 84 25.59 -26.39 -26.60
N LEU A 85 26.58 -26.75 -25.79
CA LEU A 85 27.98 -26.32 -25.99
C LEU A 85 28.87 -27.47 -26.37
N ASN A 86 30.06 -27.13 -26.86
CA ASN A 86 31.14 -28.09 -27.16
C ASN A 86 32.09 -28.10 -25.92
N ASP A 87 33.19 -28.85 -25.95
CA ASP A 87 34.16 -28.97 -24.83
C ASP A 87 34.77 -27.62 -24.43
N GLU A 88 34.93 -26.72 -25.43
CA GLU A 88 35.53 -25.39 -25.26
C GLU A 88 34.49 -24.34 -24.81
N GLY A 89 33.25 -24.76 -24.53
CA GLY A 89 32.18 -23.87 -24.07
C GLY A 89 31.53 -23.03 -25.16
N GLU A 90 31.80 -23.33 -26.45
CA GLU A 90 31.15 -22.55 -27.53
C GLU A 90 29.80 -23.15 -27.84
N GLU A 91 28.81 -22.28 -28.16
CA GLU A 91 27.45 -22.67 -28.52
C GLU A 91 27.45 -23.41 -29.87
N ILE A 92 26.88 -24.62 -29.91
CA ILE A 92 26.79 -25.39 -31.15
C ILE A 92 25.32 -25.59 -31.58
N ALA A 93 24.36 -25.29 -30.70
CA ALA A 93 22.92 -25.37 -30.98
C ALA A 93 22.18 -24.48 -30.01
N ASN A 94 21.12 -23.83 -30.46
CA ASN A 94 20.36 -22.98 -29.55
C ASN A 94 18.88 -23.09 -29.84
N THR A 95 18.09 -22.76 -28.83
CA THR A 95 16.64 -22.75 -28.87
C THR A 95 16.12 -21.74 -27.80
N GLU A 96 14.82 -21.49 -27.83
CA GLU A 96 14.13 -20.56 -26.95
C GLU A 96 12.74 -21.09 -26.66
N ALA A 97 12.25 -20.85 -25.45
CA ALA A 97 10.91 -21.29 -25.08
C ALA A 97 9.88 -20.27 -25.63
N ASN A 98 8.66 -20.72 -26.00
CA ASN A 98 7.61 -19.82 -26.50
C ASN A 98 6.97 -19.01 -25.40
N GLU A 99 6.89 -19.57 -24.20
CA GLU A 99 6.31 -18.91 -23.04
C GLU A 99 7.37 -18.42 -22.08
N LYS A 100 7.06 -17.33 -21.39
CA LYS A 100 7.93 -16.74 -20.39
C LYS A 100 7.56 -17.29 -19.00
N PHE A 101 8.56 -17.52 -18.14
CA PHE A 101 8.36 -17.95 -16.75
C PHE A 101 7.89 -16.70 -15.93
N VAL A 102 6.95 -16.88 -14.99
CA VAL A 102 6.45 -15.73 -14.22
C VAL A 102 7.22 -15.66 -12.88
N TYR A 103 8.07 -14.64 -12.76
CA TYR A 103 8.96 -14.41 -11.62
C TYR A 103 8.30 -13.50 -10.55
N GLN A 104 8.10 -14.05 -9.32
CA GLN A 104 7.58 -13.40 -8.13
C GLN A 104 8.78 -13.02 -7.24
N LYS A 105 9.00 -11.73 -7.04
CA LYS A 105 10.08 -11.21 -6.18
C LYS A 105 9.78 -11.45 -4.70
N LYS A 106 10.83 -11.59 -3.89
CA LYS A 106 10.70 -11.73 -2.45
C LYS A 106 11.62 -10.76 -1.76
N LEU A 108 14.68 -9.70 0.69
CA LEU A 108 16.02 -10.17 1.01
C LEU A 108 16.71 -9.21 1.95
N VAL A 109 17.65 -9.72 2.73
CA VAL A 109 18.55 -8.91 3.54
C VAL A 109 19.77 -8.67 2.65
N THR A 110 20.20 -7.43 2.51
CA THR A 110 21.39 -7.09 1.73
C THR A 110 22.24 -6.13 2.53
N THR A 111 23.46 -5.82 2.04
CA THR A 111 24.34 -4.87 2.65
C THR A 111 24.19 -3.60 1.87
N PHE A 112 23.67 -2.56 2.52
CA PHE A 112 23.48 -1.29 1.87
C PHE A 112 24.79 -0.48 1.88
N LEU A 113 25.36 -0.24 3.06
CA LEU A 113 26.55 0.58 3.18
C LEU A 113 27.57 -0.02 4.13
N GLY A 114 28.81 0.35 3.91
CA GLY A 114 29.89 -0.09 4.75
C GLY A 114 30.56 -1.34 4.26
N THR A 115 31.82 -1.46 4.59
CA THR A 115 32.56 -2.65 4.24
C THR A 115 33.68 -2.89 5.22
N TYR A 117 37.49 -5.29 5.40
CA TYR A 117 38.48 -5.94 4.52
C TYR A 117 39.24 -7.02 5.32
N ASP A 118 40.15 -7.78 4.62
CA ASP A 118 40.97 -8.88 5.15
C ASP A 118 40.05 -9.99 5.77
N GLY A 119 39.17 -10.55 4.96
CA GLY A 119 38.21 -11.56 5.42
C GLY A 119 37.33 -11.08 6.56
N ASN A 120 36.82 -9.83 6.45
CA ASN A 120 35.95 -9.13 7.40
C ASN A 120 36.53 -9.09 8.81
N THR A 121 37.82 -8.74 8.91
CA THR A 121 38.51 -8.62 10.20
C THR A 121 38.91 -7.16 10.49
N LYS A 122 39.04 -6.35 9.42
CA LYS A 122 39.47 -4.96 9.51
CA LYS A 122 39.47 -4.95 9.52
C LYS A 122 38.48 -4.01 8.84
N TYR A 123 38.49 -2.72 9.23
CA TYR A 123 37.62 -1.71 8.64
C TYR A 123 38.24 -0.34 8.86
N ASP A 124 37.87 0.64 7.99
CA ASP A 124 38.36 2.03 8.13
C ASP A 124 37.23 3.01 8.48
N LEU A 125 37.52 3.99 9.32
CA LEU A 125 36.58 5.03 9.71
C LEU A 125 36.88 6.28 8.90
N LYS A 126 36.11 6.52 7.83
CA LYS A 126 36.33 7.65 6.91
C LYS A 126 35.04 8.18 6.26
N ASP A 127 35.09 9.42 5.80
CA ASP A 127 34.02 10.03 5.01
C ASP A 127 34.25 9.65 3.54
N GLY A 128 33.17 9.64 2.76
CA GLY A 128 33.34 9.27 1.37
C GLY A 128 32.06 8.88 0.67
N PRO A 129 32.16 8.62 -0.65
CA PRO A 129 30.94 8.20 -1.39
C PRO A 129 30.40 6.87 -0.88
N PHE A 130 29.16 6.49 -1.28
CA PHE A 130 28.50 5.24 -0.88
C PHE A 130 29.39 4.00 -1.10
N ASP A 131 30.09 3.96 -2.25
CA ASP A 131 30.99 2.87 -2.63
C ASP A 131 32.34 2.86 -1.88
N ASP A 132 32.73 3.93 -1.17
CA ASP A 132 34.03 4.00 -0.49
C ASP A 132 33.96 4.91 0.76
N CYS A 133 33.20 4.46 1.74
CA CYS A 133 32.99 5.19 3.00
C CYS A 133 33.48 4.38 4.22
N GLY A 134 34.26 3.32 3.96
CA GLY A 134 34.80 2.45 5.00
C GLY A 134 33.72 1.64 5.69
N GLY A 135 33.80 1.55 7.00
CA GLY A 135 32.88 0.83 7.85
C GLY A 135 32.36 1.75 8.92
N PHE A 136 31.19 1.42 9.49
CA PHE A 136 30.54 2.24 10.54
C PHE A 136 30.99 1.72 11.89
N GLY A 137 31.49 2.60 12.76
CA GLY A 137 31.91 2.19 14.09
C GLY A 137 30.70 1.79 14.91
N GLY A 138 29.58 2.50 14.68
CA GLY A 138 28.32 2.29 15.35
C GLY A 138 27.17 3.05 14.69
N ALA A 139 25.98 2.45 14.68
CA ALA A 139 24.73 3.01 14.17
C ALA A 139 23.63 2.46 15.07
N VAL A 140 23.56 3.01 16.30
CA VAL A 140 22.67 2.57 17.36
C VAL A 140 21.26 3.17 17.23
N TRP A 141 21.14 4.27 16.48
CA TRP A 141 19.87 4.94 16.31
C TRP A 141 19.87 5.60 14.96
N LEU A 142 18.80 5.40 14.19
CA LEU A 142 18.66 5.94 12.83
C LEU A 142 17.45 6.83 12.78
N SER A 143 17.61 7.99 12.12
CA SER A 143 16.53 8.96 12.04
C SER A 143 16.66 9.82 10.78
N PHE A 144 15.64 9.85 9.98
CA PHE A 144 15.55 10.73 8.83
C PHE A 144 15.29 12.17 9.25
N ASP A 145 15.80 13.09 8.46
CA ASP A 145 15.47 14.49 8.66
C ASP A 145 14.00 14.66 8.22
N PRO A 146 13.10 15.14 9.12
CA PRO A 146 11.69 15.30 8.72
C PRO A 146 11.48 16.26 7.54
N LYS A 147 12.42 17.19 7.30
CA LYS A 147 12.33 18.18 6.20
C LYS A 147 13.11 17.74 4.97
N ASN A 148 13.84 16.61 5.07
CA ASN A 148 14.60 16.10 3.93
C ASN A 148 14.75 14.60 4.04
N HIS A 149 13.90 13.87 3.30
CA HIS A 149 13.91 12.42 3.26
C HIS A 149 15.16 11.83 2.52
N ASN A 150 16.03 12.69 1.98
CA ASN A 150 17.29 12.18 1.40
C ASN A 150 18.39 12.13 2.44
N HIS A 151 18.13 12.72 3.63
CA HIS A 151 19.11 12.81 4.70
C HIS A 151 18.76 11.87 5.84
N LEU A 152 19.57 10.82 6.02
CA LEU A 152 19.40 9.84 7.08
C LEU A 152 20.52 10.02 8.08
N TYR A 153 20.16 10.41 9.31
CA TYR A 153 21.15 10.60 10.37
C TYR A 153 21.27 9.35 11.25
N LEU A 154 22.44 9.13 11.79
CA LEU A 154 22.72 8.03 12.70
C LEU A 154 23.61 8.49 13.86
N VAL A 155 23.42 7.90 15.04
CA VAL A 155 24.30 8.11 16.22
C VAL A 155 25.03 6.78 16.50
N GLY A 156 26.26 6.84 17.01
CA GLY A 156 27.03 5.63 17.22
C GLY A 156 27.69 5.42 18.56
N GLU A 157 27.03 5.83 19.68
CA GLU A 157 27.53 5.74 21.06
C GLU A 157 28.82 6.58 21.15
N GLN A 158 30.02 5.93 21.31
CA GLN A 158 31.26 6.70 21.39
C GLN A 158 31.72 7.14 19.98
N HIS A 159 31.17 6.50 18.91
CA HIS A 159 31.53 6.80 17.54
C HIS A 159 30.78 8.06 17.08
N PRO A 160 31.27 8.79 16.05
CA PRO A 160 30.57 10.03 15.61
C PRO A 160 29.15 9.88 15.07
N THR A 161 28.43 10.99 15.15
CA THR A 161 27.10 11.19 14.55
C THR A 161 27.38 11.40 13.05
N ARG A 162 26.73 10.61 12.19
CA ARG A 162 27.02 10.65 10.76
C ARG A 162 25.79 10.90 9.93
N LEU A 163 25.98 11.27 8.67
CA LEU A 163 24.88 11.52 7.75
C LEU A 163 25.05 10.64 6.50
N ILE A 164 23.96 9.95 6.12
CA ILE A 164 23.82 9.17 4.88
C ILE A 164 22.93 10.01 3.97
N ASP A 165 23.55 10.62 2.95
CA ASP A 165 22.87 11.49 2.00
C ASP A 165 22.59 10.70 0.74
N PHE A 166 21.31 10.39 0.50
CA PHE A 166 20.91 9.55 -0.66
C PHE A 166 20.98 10.29 -1.98
N GLU A 167 20.85 11.61 -1.96
CA GLU A 167 20.88 12.46 -3.16
C GLU A 167 22.30 12.53 -3.72
N LYS A 168 23.27 12.84 -2.85
CA LYS A 168 24.69 12.94 -3.23
C LYS A 168 25.43 11.57 -3.18
N GLU A 169 24.80 10.53 -2.60
CA GLU A 169 25.38 9.20 -2.39
C GLU A 169 26.72 9.39 -1.65
N TYR A 170 26.66 10.09 -0.49
CA TYR A 170 27.84 10.41 0.31
C TYR A 170 27.55 10.21 1.80
N VAL A 171 28.56 9.78 2.53
CA VAL A 171 28.52 9.55 3.97
C VAL A 171 29.48 10.55 4.63
N SER A 172 28.97 11.38 5.55
CA SER A 172 29.77 12.41 6.22
C SER A 172 29.64 12.36 7.74
N THR A 173 30.52 13.05 8.45
CA THR A 173 30.49 13.15 9.90
C THR A 173 29.80 14.46 10.27
N VAL A 174 28.82 14.38 11.15
CA VAL A 174 28.04 15.53 11.62
C VAL A 174 28.71 16.12 12.87
N TYR A 175 28.97 15.29 13.87
CA TYR A 175 29.51 15.75 15.14
C TYR A 175 30.26 14.63 15.82
N SER A 176 31.44 14.94 16.36
CA SER A 176 32.30 13.98 17.08
C SER A 176 32.57 14.45 18.51
N GLY A 177 33.01 13.56 19.38
CA GLY A 177 33.41 13.94 20.74
C GLY A 177 32.56 13.53 21.93
N LEU A 178 31.25 13.31 21.75
CA LEU A 178 30.38 12.87 22.84
C LEU A 178 30.67 11.39 23.16
N SER A 179 30.80 11.08 24.44
CA SER A 179 31.17 9.79 25.03
C SER A 179 30.21 8.65 24.73
N LYS A 180 28.87 8.85 24.80
CA LYS A 180 27.93 7.73 24.57
C LYS A 180 26.55 8.23 24.09
N VAL A 181 26.46 8.59 22.79
CA VAL A 181 25.23 9.10 22.17
C VAL A 181 24.22 7.95 21.95
N ARG A 182 23.02 8.09 22.52
CA ARG A 182 22.01 7.03 22.51
C ARG A 182 20.89 7.20 21.47
N THR A 183 20.35 8.41 21.33
CA THR A 183 19.21 8.66 20.46
C THR A 183 19.35 9.99 19.74
N ILE A 184 18.49 10.16 18.73
CA ILE A 184 18.22 11.37 17.95
C ILE A 184 16.74 11.52 17.87
N CYS A 185 16.24 12.72 18.14
CA CYS A 185 14.84 13.08 17.89
C CYS A 185 14.84 14.56 17.44
N TRP A 186 13.67 15.05 17.02
CA TRP A 186 13.56 16.36 16.42
C TRP A 186 12.50 17.18 17.11
N THR A 187 12.68 18.51 17.08
CA THR A 187 11.69 19.46 17.58
C THR A 187 10.55 19.44 16.57
N HIS A 188 9.34 19.76 17.01
CA HIS A 188 8.15 19.72 16.17
C HIS A 188 8.33 20.43 14.83
N GLU A 189 9.03 21.57 14.80
CA GLU A 189 9.27 22.33 13.56
C GLU A 189 10.53 21.87 12.82
N ALA A 190 11.32 20.95 13.43
CA ALA A 190 12.54 20.32 12.91
C ALA A 190 13.69 21.36 12.68
N ASP A 191 13.62 22.49 13.41
CA ASP A 191 14.67 23.52 13.35
CA ASP A 191 14.61 23.56 13.47
C ASP A 191 15.88 23.04 14.14
N SER A 192 15.68 22.04 15.00
CA SER A 192 16.73 21.46 15.83
C SER A 192 16.67 19.94 15.92
N ILE A 194 17.80 16.84 18.45
CA ILE A 194 18.09 16.58 19.87
C ILE A 194 18.96 15.32 19.93
N ILE A 195 20.16 15.45 20.48
CA ILE A 195 21.16 14.40 20.65
C ILE A 195 21.28 14.12 22.15
N THR A 196 21.05 12.87 22.54
CA THR A 196 21.06 12.42 23.94
C THR A 196 22.34 11.67 24.27
N ASN A 197 23.06 12.15 25.31
CA ASN A 197 24.31 11.55 25.78
C ASN A 197 24.14 10.84 27.12
N ASP A 198 24.58 9.56 27.20
CA ASP A 198 24.50 8.72 28.39
C ASP A 198 25.82 8.84 29.19
N GLN A 199 25.81 9.61 30.29
CA GLN A 199 27.02 9.81 31.11
C GLN A 199 26.64 9.90 32.60
N ASN A 200 27.54 9.49 33.52
CA ASN A 200 27.30 9.36 34.97
C ASN A 200 27.32 10.63 35.83
N ASN A 201 27.64 11.80 35.26
CA ASN A 201 27.66 13.02 36.08
C ASN A 201 26.33 13.77 35.98
N ASN A 202 25.64 13.96 37.11
CA ASN A 202 24.34 14.64 37.16
C ASN A 202 24.44 16.15 36.89
N ASP A 203 25.65 16.73 36.90
CA ASP A 203 25.85 18.17 36.64
C ASP A 203 26.29 18.44 35.20
N ARG A 204 26.51 17.37 34.40
CA ARG A 204 26.89 17.47 33.00
C ARG A 204 25.65 17.25 32.08
N PRO A 205 25.67 17.72 30.80
CA PRO A 205 24.47 17.56 29.95
C PRO A 205 24.07 16.12 29.61
N ASN A 206 22.75 15.90 29.41
CA ASN A 206 22.20 14.63 28.94
C ASN A 206 21.62 14.84 27.55
N ASN A 207 21.03 16.02 27.30
CA ASN A 207 20.44 16.38 26.02
C ASN A 207 21.11 17.61 25.44
N TYR A 208 21.46 17.51 24.19
CA TYR A 208 22.06 18.59 23.39
C TYR A 208 21.21 18.96 22.20
N ILE A 209 21.37 20.18 21.70
CA ILE A 209 20.70 20.60 20.48
C ILE A 209 21.75 21.04 19.46
N LEU A 210 21.54 20.61 18.21
CA LEU A 210 22.25 20.99 16.99
C LEU A 210 21.22 21.77 16.18
N THR A 211 21.55 22.99 15.78
CA THR A 211 20.60 23.81 15.01
C THR A 211 20.78 23.61 13.50
N ARG A 212 19.64 23.59 12.75
CA ARG A 212 19.63 23.49 11.29
C ARG A 212 20.30 24.71 10.64
N GLU A 213 19.98 25.94 11.06
CA GLU A 213 20.50 27.19 10.54
C GLU A 213 22.04 27.26 10.46
N SER A 214 22.73 26.51 11.34
CA SER A 214 24.18 26.42 11.41
C SER A 214 24.74 25.18 10.66
N GLY A 215 23.87 24.45 9.97
CA GLY A 215 24.26 23.21 9.28
C GLY A 215 24.49 22.10 10.29
N PHE A 216 23.87 22.21 11.52
CA PHE A 216 24.00 21.27 12.65
C PHE A 216 25.46 21.26 13.14
N LYS A 217 26.04 22.48 13.31
CA LYS A 217 27.42 22.72 13.76
C LYS A 217 27.43 23.46 15.11
N VAL A 218 26.51 24.38 15.32
CA VAL A 218 26.38 25.01 16.63
C VAL A 218 25.67 23.99 17.56
N ILE A 219 26.35 23.56 18.66
CA ILE A 219 25.82 22.64 19.67
C ILE A 219 25.44 23.47 20.93
N THR A 220 24.33 23.12 21.56
CA THR A 220 23.75 23.79 22.71
C THR A 220 23.31 22.75 23.75
N GLU A 221 23.52 23.04 25.04
CA GLU A 221 23.09 22.18 26.14
C GLU A 221 21.61 22.45 26.37
N LEU A 222 20.78 21.40 26.31
CA LEU A 222 19.34 21.61 26.48
C LEU A 222 18.95 21.33 27.97
N THR A 223 19.41 20.18 28.50
CA THR A 223 19.18 19.75 29.89
C THR A 223 20.48 19.08 30.38
N LYS A 224 20.65 19.02 31.70
CA LYS A 224 21.75 18.34 32.38
C LYS A 224 21.15 17.17 33.13
N GLY A 225 21.88 16.08 33.30
CA GLY A 225 21.38 14.91 34.00
C GLY A 225 22.20 13.66 33.76
N GLN A 226 22.25 12.80 34.77
CA GLN A 226 23.02 11.56 34.72
C GLN A 226 22.23 10.42 34.10
N ASN A 227 22.97 9.49 33.48
CA ASN A 227 22.57 8.19 32.96
C ASN A 227 21.23 8.22 32.19
N CYS A 228 21.16 9.09 31.21
CA CYS A 228 20.03 9.20 30.31
C CYS A 228 20.24 8.25 29.14
N ASN A 229 19.28 7.32 28.89
CA ASN A 229 19.40 6.31 27.84
C ASN A 229 18.63 6.65 26.58
N GLY A 230 18.15 7.87 26.49
CA GLY A 230 17.42 8.31 25.31
C GLY A 230 16.37 9.34 25.61
N ALA A 231 16.03 10.12 24.59
CA ALA A 231 15.00 11.14 24.66
C ALA A 231 14.12 11.04 23.42
N GLU A 232 12.89 11.52 23.49
CA GLU A 232 11.93 11.47 22.39
C GLU A 232 10.89 12.58 22.53
N THR A 233 10.56 13.25 21.42
CA THR A 233 9.55 14.33 21.41
C THR A 233 8.18 13.75 21.08
N HIS A 234 7.09 14.38 21.61
CA HIS A 234 5.72 13.99 21.27
C HIS A 234 5.45 14.46 19.81
N PRO A 235 4.96 13.59 18.91
CA PRO A 235 4.85 14.02 17.50
C PRO A 235 3.81 15.10 17.21
N ILE A 236 2.87 15.37 18.14
CA ILE A 236 1.86 16.40 17.91
C ILE A 236 2.10 17.62 18.80
N ASN A 237 2.32 17.43 20.11
CA ASN A 237 2.48 18.53 21.06
C ASN A 237 3.97 19.01 21.21
N GLY A 238 4.94 18.25 20.73
CA GLY A 238 6.35 18.63 20.70
C GLY A 238 7.18 18.60 21.97
N GLU A 239 6.61 18.21 23.13
CA GLU A 239 7.39 18.14 24.37
C GLU A 239 8.37 16.93 24.38
N LEU A 240 9.44 17.02 25.18
CA LEU A 240 10.47 16.00 25.27
C LEU A 240 10.35 15.10 26.50
N TYR A 241 10.47 13.80 26.28
CA TYR A 241 10.45 12.79 27.33
C TYR A 241 11.80 12.12 27.35
N PHE A 242 12.35 11.94 28.53
CA PHE A 242 13.65 11.29 28.64
C PHE A 242 13.71 10.61 30.00
N ASN A 243 14.76 9.84 30.26
CA ASN A 243 14.85 9.13 31.53
C ASN A 243 16.16 9.40 32.27
N SER A 244 16.30 8.72 33.40
CA SER A 244 17.47 8.57 34.23
C SER A 244 17.45 7.10 34.64
N TRP A 245 18.53 6.37 34.41
CA TRP A 245 18.68 4.93 34.69
C TRP A 245 18.61 4.62 36.22
N ASN A 246 19.11 5.51 37.06
CA ASN A 246 19.23 5.34 38.53
C ASN A 246 17.95 4.79 39.17
N ALA A 247 16.81 5.50 39.07
CA ALA A 247 15.54 5.02 39.62
C ALA A 247 14.57 4.64 38.49
N GLY A 248 15.00 4.79 37.23
CA GLY A 248 14.17 4.49 36.07
C GLY A 248 13.03 5.49 35.97
N GLN A 249 13.33 6.75 36.27
CA GLN A 249 12.35 7.82 36.24
C GLN A 249 12.22 8.45 34.86
N VAL A 250 10.97 8.81 34.50
CA VAL A 250 10.60 9.49 33.27
C VAL A 250 10.52 11.00 33.59
N PHE A 251 11.12 11.85 32.72
CA PHE A 251 11.07 13.29 32.86
C PHE A 251 10.40 13.91 31.65
N ARG A 252 9.68 14.99 31.87
CA ARG A 252 9.02 15.72 30.79
C ARG A 252 9.63 17.10 30.69
N TYR A 253 10.07 17.50 29.50
CA TYR A 253 10.66 18.81 29.33
C TYR A 253 9.82 19.65 28.36
N ASP A 254 9.44 20.84 28.77
CA ASP A 254 8.66 21.77 27.96
C ASP A 254 9.62 22.79 27.35
N PHE A 255 9.71 22.80 26.03
CA PHE A 255 10.60 23.66 25.26
C PHE A 255 10.29 25.13 25.41
N THR A 256 9.01 25.50 25.57
CA THR A 256 8.62 26.91 25.70
C THR A 256 8.99 27.47 27.09
N THR A 257 8.65 26.75 28.18
CA THR A 257 8.92 27.24 29.55
C THR A 257 10.32 26.85 30.04
N GLN A 258 10.94 25.85 29.40
CA GLN A 258 12.26 25.27 29.71
C GLN A 258 12.22 24.61 31.09
N GLU A 259 11.03 24.13 31.45
CA GLU A 259 10.74 23.42 32.68
C GLU A 259 10.74 21.95 32.48
N THR A 260 11.41 21.25 33.43
CA THR A 260 11.48 19.80 33.52
C THR A 260 10.53 19.36 34.64
N THR A 261 9.69 18.37 34.34
CA THR A 261 8.77 17.80 35.30
C THR A 261 9.09 16.31 35.46
N PRO A 262 9.39 15.83 36.69
CA PRO A 262 9.55 14.39 36.86
C PRO A 262 8.17 13.75 36.77
N LEU A 263 8.06 12.69 36.00
CA LEU A 263 6.82 11.98 35.96
C LEU A 263 7.05 10.72 36.81
N PHE A 264 6.35 9.63 36.51
CA PHE A 264 6.46 8.32 37.15
C PHE A 264 7.84 7.63 36.98
N THR A 265 8.00 6.59 37.79
CA THR A 265 9.09 5.62 37.85
C THR A 265 8.51 4.35 37.17
N ILE A 266 9.34 3.57 36.44
CA ILE A 266 8.84 2.36 35.76
C ILE A 266 8.68 1.23 36.76
N GLN A 267 9.79 0.89 37.49
CA GLN A 267 9.79 -0.22 38.44
C GLN A 267 10.89 -0.02 39.47
N ASP A 268 12.06 -0.66 39.27
CA ASP A 268 13.17 -0.63 40.21
C ASP A 268 14.38 0.19 39.69
N SER A 269 15.45 0.22 40.51
CA SER A 269 16.72 0.89 40.24
C SER A 269 17.44 0.24 39.08
N GLY A 270 18.21 1.04 38.34
CA GLY A 270 18.99 0.58 37.19
C GLY A 270 18.14 0.11 36.05
N TRP A 271 17.23 0.97 35.57
CA TRP A 271 16.30 0.70 34.48
C TRP A 271 16.71 1.50 33.26
N GLU A 272 17.34 0.80 32.31
CA GLU A 272 17.84 1.34 31.05
C GLU A 272 16.75 1.24 30.01
N PHE A 273 16.17 2.39 29.60
CA PHE A 273 15.08 2.32 28.63
C PHE A 273 14.99 3.55 27.70
N HIS A 274 14.34 3.34 26.54
CA HIS A 274 14.01 4.44 25.64
C HIS A 274 12.48 4.45 25.43
N ILE A 275 11.97 5.60 24.98
CA ILE A 275 10.56 5.89 24.73
C ILE A 275 10.40 6.16 23.24
N GLN A 276 9.39 5.52 22.63
CA GLN A 276 9.11 5.65 21.20
C GLN A 276 7.66 5.80 20.99
N PHE A 277 7.27 6.97 20.49
CA PHE A 277 5.86 7.29 20.24
C PHE A 277 5.34 6.71 18.97
N HIS A 278 4.07 6.23 19.03
CA HIS A 278 3.30 5.83 17.87
C HIS A 278 3.07 7.10 17.01
N PRO A 279 3.03 7.01 15.66
CA PRO A 279 2.84 8.23 14.82
C PRO A 279 1.63 9.13 15.15
N SER A 280 0.55 8.57 15.74
CA SER A 280 -0.65 9.33 16.16
C SER A 280 -0.36 10.15 17.42
N GLY A 281 0.61 9.68 18.21
CA GLY A 281 0.98 10.28 19.48
C GLY A 281 0.05 9.85 20.59
N ASN A 282 -0.79 8.83 20.36
CA ASN A 282 -1.77 8.34 21.35
C ASN A 282 -1.13 7.50 22.45
N TYR A 283 0.10 6.97 22.20
CA TYR A 283 0.81 6.12 23.14
C TYR A 283 2.27 6.00 22.72
N ALA A 284 3.09 5.54 23.66
CA ALA A 284 4.48 5.25 23.40
C ALA A 284 4.82 3.86 23.93
N TYR A 285 5.78 3.20 23.27
CA TYR A 285 6.35 1.97 23.78
C TYR A 285 7.55 2.37 24.60
N ILE A 286 7.71 1.73 25.75
CA ILE A 286 8.84 1.93 26.67
C ILE A 286 9.62 0.62 26.60
N VAL A 287 10.77 0.69 25.91
CA VAL A 287 11.61 -0.46 25.61
C VAL A 287 12.70 -0.54 26.65
N VAL A 288 12.62 -1.54 27.55
CA VAL A 288 13.61 -1.71 28.63
C VAL A 288 14.72 -2.64 28.14
N VAL A 289 15.78 -2.00 27.66
CA VAL A 289 16.99 -2.61 27.12
C VAL A 289 17.63 -3.64 28.08
N ASN A 290 17.78 -3.30 29.38
CA ASN A 290 18.47 -4.21 30.29
C ASN A 290 17.54 -5.11 31.10
N GLN A 291 16.21 -5.10 30.81
CA GLN A 291 15.24 -5.91 31.57
C GLN A 291 14.37 -6.79 30.65
N HIS A 292 14.57 -6.66 29.35
CA HIS A 292 14.04 -7.49 28.24
C HIS A 292 12.53 -7.57 28.17
N TYR A 293 11.87 -6.43 28.28
CA TYR A 293 10.41 -6.37 28.17
C TYR A 293 10.02 -4.96 27.69
N ILE A 294 8.80 -4.87 27.15
CA ILE A 294 8.27 -3.63 26.60
C ILE A 294 6.96 -3.28 27.32
N LEU A 295 6.78 -2.00 27.56
CA LEU A 295 5.56 -1.48 28.19
C LEU A 295 4.90 -0.51 27.24
N ARG A 296 3.61 -0.27 27.43
CA ARG A 296 2.89 0.75 26.69
C ARG A 296 2.44 1.83 27.65
N SER A 297 2.68 3.09 27.27
CA SER A 297 2.26 4.25 28.07
C SER A 297 1.29 5.08 27.25
N ASP A 298 0.03 5.10 27.65
CA ASP A 298 -0.99 5.86 26.94
C ASP A 298 -0.78 7.37 27.17
N TYR A 299 -1.01 8.16 26.12
CA TYR A 299 -0.89 9.60 26.22
C TYR A 299 -2.21 10.25 26.68
N ASP A 300 -2.15 11.09 27.72
CA ASP A 300 -3.31 11.84 28.22
C ASP A 300 -3.30 13.20 27.49
N TRP A 301 -4.19 13.37 26.52
CA TRP A 301 -4.25 14.57 25.69
C TRP A 301 -4.69 15.80 26.48
N LYS A 302 -5.42 15.58 27.58
CA LYS A 302 -5.91 16.65 28.44
C LYS A 302 -4.79 17.24 29.31
N THR A 303 -3.88 16.39 29.82
CA THR A 303 -2.79 16.85 30.68
C THR A 303 -1.50 17.02 29.86
N LYS A 304 -1.52 16.58 28.59
CA LYS A 304 -0.40 16.61 27.63
C LYS A 304 0.80 15.85 28.25
N ARG A 305 0.53 14.64 28.79
CA ARG A 305 1.54 13.78 29.46
C ARG A 305 1.34 12.30 29.19
N LEU A 306 2.46 11.57 29.20
CA LEU A 306 2.44 10.11 29.15
C LEU A 306 1.88 9.65 30.50
N THR A 307 1.21 8.50 30.56
CA THR A 307 0.66 8.06 31.85
C THR A 307 1.29 6.71 32.25
N THR A 308 0.97 6.22 33.47
CA THR A 308 1.44 4.97 34.07
C THR A 308 1.40 3.83 33.05
N PRO A 309 2.58 3.27 32.70
CA PRO A 309 2.61 2.25 31.66
C PRO A 309 2.19 0.85 32.14
N TYR A 310 1.88 -0.05 31.20
CA TYR A 310 1.53 -1.44 31.53
C TYR A 310 2.36 -2.34 30.61
N ILE A 311 2.71 -3.55 31.08
CA ILE A 311 3.54 -4.47 30.30
C ILE A 311 2.75 -4.94 29.07
N VAL A 312 3.38 -4.90 27.91
CA VAL A 312 2.79 -5.30 26.65
C VAL A 312 3.38 -6.66 26.24
N CYS A 313 4.71 -6.88 26.38
CA CYS A 313 5.32 -8.16 26.04
C CYS A 313 6.64 -8.36 26.76
N GLY A 314 7.04 -9.62 26.85
CA GLY A 314 8.27 -10.07 27.48
C GLY A 314 8.08 -10.30 28.96
N GLN A 315 9.17 -10.66 29.63
CA GLN A 315 9.14 -10.82 31.07
C GLN A 315 10.37 -10.18 31.64
N GLN A 316 10.17 -9.32 32.64
CA GLN A 316 11.21 -8.55 33.34
C GLN A 316 12.34 -9.47 33.80
N GLY A 317 13.53 -9.19 33.29
CA GLY A 317 14.76 -9.90 33.60
C GLY A 317 14.96 -11.26 32.97
N ALA A 318 14.03 -11.72 32.09
CA ALA A 318 14.12 -13.05 31.46
C ALA A 318 14.64 -12.94 30.06
N LYS A 319 15.97 -13.18 29.88
CA LYS A 319 16.67 -13.11 28.58
C LYS A 319 16.49 -14.42 27.80
N ASP A 320 15.77 -14.40 26.64
CA ASP A 320 15.56 -15.59 25.80
C ASP A 320 15.07 -15.19 24.43
N TRP A 321 14.89 -16.16 23.53
CA TRP A 321 14.31 -15.94 22.21
C TRP A 321 13.10 -16.83 22.11
N VAL A 322 11.92 -16.24 22.30
CA VAL A 322 10.61 -16.93 22.34
C VAL A 322 9.55 -16.02 21.69
N ASP A 323 8.95 -16.52 20.61
CA ASP A 323 7.84 -15.85 19.92
C ASP A 323 6.58 -16.24 20.67
N GLY A 324 5.60 -15.36 20.68
CA GLY A 324 4.35 -15.57 21.38
C GLY A 324 3.63 -14.28 21.70
N VAL A 325 2.54 -14.41 22.44
CA VAL A 325 1.70 -13.31 22.82
C VAL A 325 2.04 -12.83 24.24
N GLY A 326 2.13 -11.51 24.36
CA GLY A 326 2.34 -10.80 25.61
C GLY A 326 3.49 -11.29 26.42
N LYS A 327 3.13 -11.71 27.64
CA LYS A 327 4.01 -12.22 28.71
C LYS A 327 4.70 -13.55 28.38
N LYS A 328 4.28 -14.22 27.32
CA LYS A 328 4.85 -15.49 26.86
C LYS A 328 6.05 -15.26 25.94
N ALA A 329 6.14 -14.05 25.38
CA ALA A 329 7.23 -13.65 24.50
C ALA A 329 8.47 -13.40 25.34
N ARG A 330 9.64 -13.63 24.77
CA ARG A 330 10.92 -13.33 25.40
C ARG A 330 11.85 -12.65 24.41
N HIS A 332 15.96 -10.41 24.27
CA HIS A 332 17.25 -10.26 24.89
C HIS A 332 17.91 -9.02 24.33
N ALA A 333 17.87 -7.94 25.15
CA ALA A 333 18.41 -6.58 24.91
C ALA A 333 17.69 -5.89 23.72
N PRO A 334 16.39 -5.57 23.82
CA PRO A 334 15.74 -4.88 22.68
C PRO A 334 16.31 -3.47 22.52
N ARG A 335 16.52 -3.03 21.29
CA ARG A 335 17.11 -1.72 21.03
C ARG A 335 16.10 -0.82 20.29
N GLN A 336 16.50 -0.13 19.19
CA GLN A 336 15.55 0.73 18.47
C GLN A 336 14.42 -0.08 17.78
N GLY A 337 13.25 0.54 17.74
CA GLY A 337 12.08 0.06 17.02
C GLY A 337 11.62 1.04 15.95
N THR A 338 10.66 0.63 15.13
CA THR A 338 10.12 1.50 14.07
C THR A 338 8.68 1.08 13.83
N PHE A 339 7.78 2.08 13.72
CA PHE A 339 6.35 1.88 13.43
C PHE A 339 6.17 1.76 11.94
N VAL A 340 5.59 0.63 11.49
CA VAL A 340 5.43 0.30 10.07
C VAL A 340 3.95 0.11 9.75
N LYS A 341 3.43 0.89 8.80
CA LYS A 341 2.03 0.83 8.36
C LYS A 341 1.77 -0.49 7.66
N ASN A 342 0.84 -1.25 8.23
CA ASN A 342 0.44 -2.56 7.73
C ASN A 342 -0.86 -2.42 6.91
N PRO A 343 -0.79 -2.72 5.57
CA PRO A 343 -2.00 -2.64 4.71
C PRO A 343 -3.16 -3.56 5.18
N ALA A 344 -2.84 -4.63 5.93
CA ALA A 344 -3.85 -5.55 6.47
C ALA A 344 -4.68 -4.89 7.59
N TYR A 345 -4.20 -3.77 8.17
CA TYR A 345 -4.91 -3.09 9.25
C TYR A 345 -5.70 -1.88 8.77
N LYS A 346 -5.83 -1.69 7.43
CA LYS A 346 -6.54 -0.54 6.85
C LYS A 346 -7.95 -0.43 7.44
N GLY A 347 -8.28 0.75 7.95
CA GLY A 347 -9.59 0.99 8.57
C GLY A 347 -9.62 0.81 10.06
N SER A 348 -8.65 0.10 10.63
CA SER A 348 -8.63 -0.12 12.07
C SER A 348 -8.07 1.09 12.83
N SER A 349 -8.28 1.11 14.15
CA SER A 349 -7.81 2.14 15.07
C SER A 349 -6.29 2.26 14.98
N ASP A 350 -5.55 1.12 15.05
CA ASP A 350 -4.09 1.10 14.93
C ASP A 350 -3.68 0.42 13.63
N GLU A 351 -3.12 1.19 12.68
CA GLU A 351 -2.73 0.68 11.37
C GLU A 351 -1.25 0.30 11.29
N TYR A 352 -0.53 0.30 12.44
CA TYR A 352 0.91 0.07 12.49
C TYR A 352 1.36 -1.10 13.34
N ASP A 353 2.42 -1.76 12.87
CA ASP A 353 3.17 -2.78 13.59
C ASP A 353 4.47 -2.12 14.11
N PHE A 354 5.08 -2.71 15.13
CA PHE A 354 6.31 -2.18 15.68
C PHE A 354 7.44 -3.21 15.51
N TYR A 355 8.39 -2.89 14.60
CA TYR A 355 9.57 -3.70 14.25
C TYR A 355 10.73 -3.24 15.06
N PHE A 356 11.41 -4.14 15.77
CA PHE A 356 12.54 -3.69 16.60
C PHE A 356 13.69 -4.65 16.56
N CYS A 357 14.89 -4.13 16.85
CA CYS A 357 16.11 -4.89 16.95
C CYS A 357 16.15 -5.57 18.28
N ASP A 358 16.39 -6.88 18.28
CA ASP A 358 16.58 -7.73 19.45
C ASP A 358 18.08 -8.07 19.42
N ARG A 359 18.90 -7.18 19.94
CA ARG A 359 20.36 -7.18 19.83
C ARG A 359 21.04 -8.50 20.19
N GLU A 360 20.72 -9.09 21.34
CA GLU A 360 21.46 -10.30 21.72
C GLU A 360 20.83 -11.57 21.20
N ASN A 361 19.73 -11.46 20.46
CA ASN A 361 19.08 -12.55 19.77
C ASN A 361 19.42 -12.46 18.29
N HIS A 362 20.15 -11.39 17.89
CA HIS A 362 20.66 -11.09 16.54
C HIS A 362 19.56 -11.16 15.47
N CYS A 363 18.42 -10.54 15.76
CA CYS A 363 17.30 -10.57 14.83
C CYS A 363 16.40 -9.35 14.95
N ILE A 364 15.44 -9.25 14.04
CA ILE A 364 14.44 -8.19 14.00
C ILE A 364 13.14 -8.85 14.41
N ARG A 365 12.47 -8.27 15.39
CA ARG A 365 11.19 -8.78 15.89
C ARG A 365 10.06 -7.88 15.46
N ILE A 366 8.84 -8.40 15.46
CA ILE A 366 7.62 -7.61 15.17
C ILE A 366 6.70 -7.72 16.37
N LEU A 367 6.25 -6.58 16.88
CA LEU A 367 5.23 -6.45 17.93
C LEU A 367 3.98 -5.84 17.32
N THR A 368 2.89 -6.63 17.25
CA THR A 368 1.61 -6.17 16.72
C THR A 368 0.84 -5.37 17.78
N PRO A 369 -0.12 -4.51 17.37
CA PRO A 369 -0.88 -3.73 18.37
C PRO A 369 -1.60 -4.59 19.46
N GLN A 370 -1.90 -5.88 19.13
CA GLN A 370 -2.58 -6.85 20.00
CA GLN A 370 -2.59 -6.83 20.00
C GLN A 370 -1.60 -7.60 20.96
N GLY A 371 -0.30 -7.31 20.86
CA GLY A 371 0.73 -7.90 21.72
C GLY A 371 1.42 -9.16 21.27
N ARG A 372 1.27 -9.55 20.01
CA ARG A 372 1.94 -10.73 19.46
C ARG A 372 3.35 -10.37 18.99
N VAL A 373 4.33 -11.20 19.37
CA VAL A 373 5.74 -11.02 18.99
C VAL A 373 6.14 -12.18 18.10
N THR A 374 6.67 -11.84 16.91
CA THR A 374 7.19 -12.80 15.92
C THR A 374 8.59 -12.33 15.53
N THR A 375 9.29 -13.13 14.69
CA THR A 375 10.62 -12.79 14.23
C THR A 375 10.52 -12.50 12.76
N PHE A 376 11.05 -11.35 12.36
CA PHE A 376 11.01 -10.96 10.97
C PHE A 376 12.23 -11.45 10.20
N ALA A 377 13.43 -11.21 10.72
CA ALA A 377 14.66 -11.51 10.01
C ALA A 377 15.78 -11.83 10.94
N GLY A 378 16.67 -12.68 10.46
CA GLY A 378 17.84 -13.07 11.23
C GLY A 378 17.74 -14.50 11.68
N ARG A 379 18.83 -14.98 12.30
CA ARG A 379 18.95 -16.33 12.85
C ARG A 379 18.87 -17.42 11.74
N GLY A 380 19.26 -17.05 10.52
CA GLY A 380 19.29 -17.99 9.40
C GLY A 380 20.54 -18.85 9.47
N SER A 381 20.72 -19.72 8.44
CA SER A 381 21.89 -20.59 8.24
C SER A 381 22.11 -21.47 9.52
N ASN A 382 20.99 -21.82 10.22
CA ASN A 382 20.91 -22.63 11.46
C ASN A 382 21.69 -22.06 12.71
N GLY A 383 21.97 -20.74 12.73
CA GLY A 383 22.70 -20.13 13.85
C GLY A 383 22.08 -18.86 14.37
N THR A 384 22.86 -18.02 15.03
CA THR A 384 22.34 -16.77 15.56
C THR A 384 23.16 -15.61 14.99
N SER A 385 24.29 -15.30 15.59
CA SER A 385 25.13 -14.20 15.14
C SER A 385 25.95 -14.60 13.91
N GLY A 386 26.26 -13.60 13.11
CA GLY A 386 27.08 -13.79 11.92
C GLY A 386 26.87 -12.67 10.94
N TYR A 387 27.30 -12.91 9.71
CA TYR A 387 27.15 -11.96 8.62
C TYR A 387 26.74 -12.74 7.38
N ASN A 388 25.46 -12.75 7.10
CA ASN A 388 24.87 -13.45 5.97
C ASN A 388 23.73 -12.67 5.40
N ASP A 389 23.72 -12.49 4.10
CA ASP A 389 22.66 -11.82 3.36
C ASP A 389 21.74 -12.90 2.83
N GLY A 390 20.60 -12.51 2.25
CA GLY A 390 19.67 -13.47 1.65
C GLY A 390 18.32 -13.58 2.31
N ASP A 391 17.74 -14.78 2.25
CA ASP A 391 16.42 -15.10 2.79
C ASP A 391 16.35 -14.66 4.28
N LEU A 392 15.36 -13.82 4.62
CA LEU A 392 15.12 -13.25 5.95
C LEU A 392 15.22 -14.26 7.10
N ARG A 393 14.62 -15.43 6.97
CA ARG A 393 14.63 -16.42 8.03
C ARG A 393 15.53 -17.62 7.78
N GLN A 394 15.73 -18.01 6.52
CA GLN A 394 16.53 -19.20 6.16
C GLN A 394 18.04 -18.95 6.07
N GLU A 395 18.47 -17.76 5.63
CA GLU A 395 19.89 -17.47 5.39
C GLU A 395 20.45 -16.30 6.20
N ALA A 396 19.72 -15.19 6.24
CA ALA A 396 20.20 -13.94 6.85
C ALA A 396 20.64 -14.06 8.32
N ARG A 397 21.77 -13.41 8.62
CA ARG A 397 22.35 -13.28 9.95
C ARG A 397 22.90 -11.88 10.20
N PHE A 398 22.67 -11.39 11.42
CA PHE A 398 23.15 -10.11 11.94
C PHE A 398 24.05 -10.38 13.10
N ASN A 399 24.82 -9.40 13.53
CA ASN A 399 25.68 -9.54 14.71
C ASN A 399 25.51 -8.27 15.52
N HIS A 400 24.59 -8.32 16.50
CA HIS A 400 24.20 -7.26 17.41
C HIS A 400 23.54 -6.12 16.63
N PRO A 401 22.38 -6.35 15.93
CA PRO A 401 21.68 -5.22 15.28
C PRO A 401 21.18 -4.22 16.36
N GLU A 402 21.33 -2.90 16.11
CA GLU A 402 20.94 -1.92 17.14
C GLU A 402 19.95 -0.89 16.61
N GLY A 403 20.34 -0.12 15.60
CA GLY A 403 19.45 0.88 15.02
C GLY A 403 18.61 0.28 13.90
N ILE A 404 17.42 0.87 13.67
CA ILE A 404 16.52 0.42 12.61
C ILE A 404 15.60 1.56 12.23
N VAL A 405 15.33 1.71 10.96
CA VAL A 405 14.34 2.69 10.52
C VAL A 405 13.62 2.11 9.32
N TYR A 406 12.32 2.32 9.22
CA TYR A 406 11.57 1.91 8.04
C TYR A 406 11.49 3.12 7.07
N ASP A 407 11.85 2.92 5.82
CA ASP A 407 11.77 3.99 4.83
C ASP A 407 10.52 3.75 3.98
N GLU A 408 9.47 4.53 4.22
CA GLU A 408 8.18 4.40 3.50
C GLU A 408 8.30 4.71 2.00
N GLU A 409 9.15 5.69 1.63
CA GLU A 409 9.36 6.10 0.26
C GLU A 409 10.18 5.06 -0.52
N ARG A 410 11.26 4.52 0.07
CA ARG A 410 12.14 3.53 -0.55
C ARG A 410 11.66 2.09 -0.26
N GLU A 411 10.59 1.93 0.54
CA GLU A 411 9.91 0.66 0.89
C GLU A 411 10.90 -0.41 1.42
N CYS A 412 11.76 0.00 2.35
CA CYS A 412 12.75 -0.90 2.91
C CYS A 412 13.11 -0.49 4.32
N PHE A 413 13.82 -1.38 5.01
CA PHE A 413 14.39 -1.18 6.34
C PHE A 413 15.88 -0.96 6.19
N PHE A 414 16.44 -0.08 7.03
CA PHE A 414 17.86 0.17 7.19
C PHE A 414 18.22 -0.21 8.59
N ILE A 415 19.22 -1.11 8.76
CA ILE A 415 19.60 -1.64 10.08
C ILE A 415 21.06 -1.37 10.40
N GLY A 416 21.32 -0.90 11.60
CA GLY A 416 22.65 -0.68 12.17
C GLY A 416 23.16 -1.99 12.76
N ASP A 417 23.90 -2.76 11.97
CA ASP A 417 24.43 -4.09 12.36
C ASP A 417 25.81 -3.90 12.96
N ARG A 418 25.85 -3.71 14.30
CA ARG A 418 27.03 -3.30 15.06
C ARG A 418 28.33 -4.01 14.70
N GLU A 419 28.47 -5.32 14.99
CA GLU A 419 29.75 -6.04 14.79
C GLU A 419 30.13 -6.24 13.34
N ASN A 420 29.18 -6.10 12.42
CA ASN A 420 29.45 -6.25 10.98
C ASN A 420 29.88 -4.91 10.36
N ARG A 421 29.80 -3.80 11.14
CA ARG A 421 30.25 -2.44 10.76
C ARG A 421 29.56 -1.93 9.48
N ARG A 422 28.31 -2.41 9.27
CA ARG A 422 27.54 -2.11 8.08
C ARG A 422 26.12 -1.67 8.37
N ILE A 423 25.51 -0.99 7.39
CA ILE A 423 24.10 -0.65 7.33
C ILE A 423 23.49 -1.73 6.44
N ARG A 424 22.63 -2.56 7.02
CA ARG A 424 21.99 -3.61 6.24
C ARG A 424 20.65 -3.10 5.71
N LYS A 425 20.18 -3.71 4.62
CA LYS A 425 18.90 -3.31 4.04
C LYS A 425 17.97 -4.52 3.95
N ILE A 426 16.67 -4.33 4.21
CA ILE A 426 15.66 -5.37 4.04
C ILE A 426 14.60 -4.80 3.14
N GLY A 427 14.51 -5.33 1.94
CA GLY A 427 13.53 -4.90 0.96
C GLY A 427 13.37 -5.97 -0.10
N TYR A 428 12.45 -5.76 -1.04
CA TYR A 428 12.21 -6.66 -2.17
C TYR A 428 13.40 -6.61 -3.11
N GLU A 429 13.73 -7.73 -3.74
CA GLU A 429 14.86 -7.79 -4.68
C GLU A 429 14.65 -6.79 -5.84
N GLU A 430 15.75 -6.14 -6.30
CA GLU A 430 15.72 -5.05 -7.29
C GLU A 430 16.43 -5.39 -8.63
N THR B 9 -40.17 -7.89 38.23
CA THR B 9 -38.95 -7.09 38.08
C THR B 9 -38.77 -6.66 36.59
N GLY B 10 -37.57 -6.14 36.26
CA GLY B 10 -37.25 -5.64 34.91
C GLY B 10 -37.67 -4.19 34.68
N ASP B 11 -38.26 -3.53 35.70
CA ASP B 11 -38.68 -2.13 35.60
C ASP B 11 -37.60 -1.19 36.15
N PHE B 12 -37.49 0.03 35.59
CA PHE B 12 -36.48 1.02 36.03
C PHE B 12 -36.83 1.54 37.40
N ASP B 13 -35.85 1.55 38.32
CA ASP B 13 -36.04 2.08 39.68
C ASP B 13 -35.29 3.40 39.79
N PRO B 14 -36.01 4.53 39.87
CA PRO B 14 -35.34 5.84 39.96
C PRO B 14 -34.42 6.02 41.16
N ASN B 15 -34.59 5.22 42.24
CA ASN B 15 -33.77 5.35 43.45
C ASN B 15 -32.58 4.37 43.51
N LYS B 16 -32.30 3.67 42.41
CA LYS B 16 -31.16 2.75 42.39
C LYS B 16 -30.22 3.18 41.26
N PRO B 17 -28.89 2.92 41.39
CA PRO B 17 -27.96 3.31 40.29
C PRO B 17 -28.18 2.58 38.98
N VAL B 18 -27.71 3.20 37.90
CA VAL B 18 -27.69 2.61 36.57
C VAL B 18 -26.23 2.41 36.26
N VAL B 19 -25.82 1.20 35.87
CA VAL B 19 -24.40 0.94 35.56
C VAL B 19 -24.28 -0.08 34.44
N ILE B 20 -23.14 -0.04 33.74
CA ILE B 20 -22.78 -1.00 32.69
C ILE B 20 -21.70 -1.88 33.28
N SER B 21 -21.90 -3.23 33.25
CA SER B 21 -20.95 -4.21 33.76
C SER B 21 -20.08 -4.76 32.63
N GLU B 22 -20.67 -4.94 31.43
CA GLU B 22 -19.92 -5.41 30.26
C GLU B 22 -20.71 -5.26 28.97
N PHE B 23 -20.01 -5.40 27.86
CA PHE B 23 -20.61 -5.33 26.54
C PHE B 23 -19.93 -6.34 25.60
N SER B 24 -20.66 -6.77 24.57
CA SER B 24 -20.14 -7.67 23.56
C SER B 24 -20.86 -7.45 22.22
N PRO B 25 -20.18 -7.65 21.05
CA PRO B 25 -18.75 -7.98 20.90
C PRO B 25 -17.90 -6.75 21.22
N LYS B 26 -16.61 -7.00 21.56
CA LYS B 26 -15.66 -5.94 21.91
C LYS B 26 -15.19 -5.18 20.65
N GLU B 27 -15.39 -5.79 19.49
CA GLU B 27 -14.96 -5.34 18.17
C GLU B 27 -16.08 -5.48 17.15
N GLY B 28 -16.04 -4.61 16.15
CA GLY B 28 -17.00 -4.57 15.04
C GLY B 28 -16.92 -3.25 14.31
N GLY B 29 -18.01 -2.85 13.69
CA GLY B 29 -18.13 -1.59 12.98
C GLY B 29 -19.58 -1.19 12.87
N LEU B 30 -19.88 -0.44 11.80
CA LEU B 30 -21.21 0.07 11.47
C LEU B 30 -22.22 -1.09 11.40
N GLY B 31 -23.31 -0.95 12.15
CA GLY B 31 -24.40 -1.93 12.18
C GLY B 31 -24.19 -3.14 13.06
N THR B 32 -23.08 -3.20 13.82
CA THR B 32 -22.84 -4.31 14.75
C THR B 32 -23.92 -4.25 15.83
N ARG B 33 -24.54 -5.43 16.09
CA ARG B 33 -25.57 -5.59 17.12
CA ARG B 33 -25.56 -5.60 17.10
C ARG B 33 -24.85 -5.81 18.43
N LEU B 35 -24.58 -6.09 22.62
CA LEU B 35 -25.27 -6.55 23.81
C LEU B 35 -24.63 -5.93 25.05
N LEU B 36 -25.39 -5.07 25.76
CA LEU B 36 -24.91 -4.46 26.99
C LEU B 36 -25.45 -5.19 28.22
N TYR B 37 -24.60 -5.47 29.17
CA TYR B 37 -24.99 -6.03 30.46
C TYR B 37 -24.86 -4.94 31.51
N GLY B 38 -25.69 -5.01 32.52
CA GLY B 38 -25.62 -4.05 33.61
C GLY B 38 -26.74 -4.19 34.60
N GLU B 39 -27.07 -3.06 35.22
CA GLU B 39 -28.10 -2.96 36.25
C GLU B 39 -29.05 -1.80 35.99
N ASN B 40 -30.36 -2.02 36.25
CA ASN B 40 -31.40 -0.99 36.30
C ASN B 40 -31.57 -0.17 34.99
N PHE B 41 -31.66 -0.89 33.87
CA PHE B 41 -31.89 -0.26 32.58
C PHE B 41 -33.39 -0.03 32.35
N GLY B 42 -34.22 -0.85 33.00
CA GLY B 42 -35.65 -0.89 32.78
C GLY B 42 -35.90 -1.68 31.51
N SER B 43 -37.16 -1.74 31.09
CA SER B 43 -37.53 -2.50 29.90
C SER B 43 -38.24 -1.61 28.87
N ASP B 44 -38.18 -0.26 29.06
CA ASP B 44 -38.78 0.74 28.17
C ASP B 44 -37.69 1.37 27.30
N ILE B 45 -37.65 0.92 26.04
CA ILE B 45 -36.70 1.31 25.00
C ILE B 45 -36.71 2.83 24.79
N SER B 46 -37.89 3.49 24.90
CA SER B 46 -38.02 4.92 24.66
C SER B 46 -37.29 5.79 25.71
N LYS B 47 -36.99 5.22 26.87
CA LYS B 47 -36.37 6.01 27.94
C LYS B 47 -34.91 5.66 28.11
N ILE B 48 -34.32 4.97 27.15
CA ILE B 48 -32.88 4.61 27.15
C ILE B 48 -32.18 5.31 26.01
N LYS B 49 -31.08 6.01 26.33
CA LYS B 49 -30.24 6.68 25.33
C LYS B 49 -28.83 6.12 25.42
N VAL B 50 -28.37 5.46 24.34
CA VAL B 50 -26.99 4.99 24.26
C VAL B 50 -26.24 5.87 23.22
N THR B 51 -25.06 6.33 23.59
CA THR B 51 -24.14 7.12 22.77
C THR B 51 -22.85 6.33 22.63
N ILE B 52 -22.41 6.03 21.40
CA ILE B 52 -21.14 5.29 21.13
C ILE B 52 -20.27 6.23 20.26
N GLY B 53 -19.09 6.57 20.73
CA GLY B 53 -18.19 7.48 20.02
C GLY B 53 -18.80 8.84 19.70
N GLY B 54 -19.66 9.36 20.60
CA GLY B 54 -20.35 10.64 20.44
C GLY B 54 -21.58 10.61 19.55
N GLN B 55 -21.94 9.43 19.04
CA GLN B 55 -23.06 9.23 18.14
C GLN B 55 -24.18 8.42 18.78
N ASP B 56 -25.45 8.79 18.50
CA ASP B 56 -26.63 8.10 18.99
C ASP B 56 -26.73 6.69 18.40
N SER B 57 -26.89 5.72 19.28
CA SER B 57 -26.99 4.28 19.01
C SER B 57 -28.41 3.84 19.35
N LYS B 58 -29.17 3.35 18.34
CA LYS B 58 -30.56 2.94 18.54
C LYS B 58 -30.66 1.64 19.39
N VAL B 59 -31.40 1.72 20.50
CA VAL B 59 -31.68 0.63 21.43
C VAL B 59 -32.80 -0.17 20.80
N VAL B 60 -32.60 -1.48 20.66
CA VAL B 60 -33.56 -2.32 19.93
C VAL B 60 -34.22 -3.38 20.86
N GLY B 61 -33.69 -3.52 22.06
CA GLY B 61 -34.21 -4.44 23.07
C GLY B 61 -33.73 -4.05 24.44
N ALA B 62 -34.56 -4.26 25.48
CA ALA B 62 -34.23 -3.95 26.88
C ALA B 62 -34.93 -4.94 27.84
N LYS B 63 -34.15 -5.61 28.69
CA LYS B 63 -34.66 -6.59 29.66
C LYS B 63 -34.27 -6.27 31.14
N GLY B 64 -34.01 -5.00 31.47
CA GLY B 64 -33.63 -4.60 32.81
C GLY B 64 -32.16 -4.76 33.13
N LYS B 65 -31.60 -6.00 32.99
CA LYS B 65 -30.18 -6.34 33.25
C LYS B 65 -29.36 -6.38 31.96
N SER B 66 -30.04 -6.30 30.82
CA SER B 66 -29.43 -6.29 29.51
C SER B 66 -30.24 -5.47 28.51
N LEU B 67 -29.55 -5.03 27.46
CA LEU B 67 -30.14 -4.35 26.34
C LEU B 67 -29.33 -4.63 25.08
N TYR B 68 -29.97 -4.46 23.95
CA TYR B 68 -29.40 -4.55 22.63
C TYR B 68 -29.44 -3.17 21.99
N CYS B 69 -28.35 -2.78 21.35
CA CYS B 69 -28.30 -1.55 20.58
C CYS B 69 -27.50 -1.80 19.29
N VAL B 70 -27.53 -0.88 18.34
CA VAL B 70 -26.86 -1.06 17.04
C VAL B 70 -25.79 0.01 16.91
N VAL B 71 -24.52 -0.41 16.64
CA VAL B 71 -23.40 0.53 16.53
C VAL B 71 -23.66 1.45 15.32
N PRO B 72 -23.77 2.78 15.53
CA PRO B 72 -24.05 3.66 14.37
C PRO B 72 -22.78 4.00 13.57
N ALA B 73 -22.97 4.72 12.44
CA ALA B 73 -21.88 5.26 11.64
C ALA B 73 -21.19 6.37 12.42
N LYS B 74 -19.86 6.54 12.24
CA LYS B 74 -19.00 7.58 12.82
C LYS B 74 -18.75 7.39 14.34
N ALA B 75 -18.95 6.16 14.85
CA ALA B 75 -18.76 5.83 16.27
C ALA B 75 -17.30 5.42 16.55
N TYR B 76 -16.33 5.99 15.79
CA TYR B 76 -14.90 5.67 15.73
C TYR B 76 -14.20 5.58 17.10
N ASP B 77 -14.45 6.52 18.03
CA ASP B 77 -13.82 6.51 19.37
C ASP B 77 -14.23 5.30 20.22
N GLY B 78 -15.41 4.74 19.98
CA GLY B 78 -15.88 3.57 20.71
C GLY B 78 -16.24 3.78 22.17
N ASP B 79 -16.17 5.04 22.70
CA ASP B 79 -16.56 5.30 24.10
C ASP B 79 -18.08 5.16 24.23
N ILE B 80 -18.54 4.36 25.18
CA ILE B 80 -19.96 4.04 25.39
C ILE B 80 -20.55 4.76 26.61
N LYS B 81 -21.58 5.59 26.37
CA LYS B 81 -22.34 6.30 27.39
C LYS B 81 -23.78 5.84 27.35
N LEU B 82 -24.43 5.74 28.51
CA LEU B 82 -25.84 5.36 28.63
C LEU B 82 -26.55 6.33 29.59
N SER B 83 -27.74 6.76 29.20
CA SER B 83 -28.59 7.64 30.01
C SER B 83 -29.97 7.07 30.04
N ILE B 84 -30.59 7.15 31.21
CA ILE B 84 -32.01 6.84 31.40
C ILE B 84 -32.71 8.22 31.37
N LEU B 85 -33.79 8.30 30.63
CA LEU B 85 -34.53 9.55 30.44
C LEU B 85 -35.88 9.51 31.13
N ASN B 86 -36.47 10.70 31.29
CA ASN B 86 -37.82 10.86 31.78
C ASN B 86 -38.74 10.96 30.54
N ASP B 87 -40.05 11.18 30.73
CA ASP B 87 -41.05 11.26 29.64
C ASP B 87 -40.74 12.37 28.64
N GLU B 88 -40.11 13.45 29.12
CA GLU B 88 -39.78 14.64 28.33
C GLU B 88 -38.41 14.52 27.64
N GLY B 89 -37.76 13.35 27.74
CA GLY B 89 -36.47 13.09 27.12
C GLY B 89 -35.26 13.67 27.85
N GLU B 90 -35.43 14.16 29.09
CA GLU B 90 -34.28 14.69 29.84
C GLU B 90 -33.59 13.54 30.59
N GLU B 91 -32.27 13.61 30.70
CA GLU B 91 -31.43 12.63 31.39
C GLU B 91 -31.69 12.67 32.90
N ILE B 92 -32.03 11.51 33.50
CA ILE B 92 -32.26 11.42 34.93
C ILE B 92 -31.20 10.54 35.63
N ALA B 93 -30.44 9.77 34.86
CA ALA B 93 -29.38 8.90 35.37
C ALA B 93 -28.40 8.66 34.26
N ASN B 94 -27.11 8.77 34.56
CA ASN B 94 -26.02 8.64 33.62
C ASN B 94 -24.95 7.61 34.06
N THR B 95 -24.44 6.82 33.09
CA THR B 95 -23.34 5.89 33.32
C THR B 95 -22.46 5.82 32.06
N GLU B 96 -21.32 5.16 32.19
CA GLU B 96 -20.35 5.00 31.12
C GLU B 96 -19.69 3.64 31.24
N ALA B 97 -19.28 3.06 30.12
CA ALA B 97 -18.55 1.79 30.11
C ALA B 97 -17.06 2.04 30.41
N ASN B 98 -16.37 1.08 31.06
CA ASN B 98 -14.94 1.24 31.37
C ASN B 98 -14.03 1.04 30.15
N GLU B 99 -14.48 0.20 29.22
CA GLU B 99 -13.72 -0.10 28.02
C GLU B 99 -14.37 0.54 26.80
N LYS B 100 -13.55 0.84 25.81
CA LYS B 100 -13.99 1.40 24.53
C LYS B 100 -14.23 0.27 23.54
N PHE B 101 -15.24 0.42 22.67
CA PHE B 101 -15.54 -0.52 21.59
C PHE B 101 -14.51 -0.30 20.45
N VAL B 102 -14.03 -1.38 19.81
CA VAL B 102 -13.01 -1.26 18.76
C VAL B 102 -13.70 -1.25 17.40
N TYR B 103 -13.74 -0.08 16.79
CA TYR B 103 -14.42 0.16 15.50
C TYR B 103 -13.46 -0.07 14.34
N GLN B 104 -13.94 -0.85 13.41
CA GLN B 104 -13.26 -1.16 12.17
C GLN B 104 -14.07 -0.52 11.03
N LYS B 105 -13.50 0.49 10.36
CA LYS B 105 -14.13 1.15 9.22
C LYS B 105 -14.21 0.21 7.99
N LYS B 106 -15.24 0.43 7.16
CA LYS B 106 -15.41 -0.32 5.92
C LYS B 106 -15.68 0.65 4.79
N LEU B 108 -17.89 2.10 1.66
CA LEU B 108 -19.26 2.43 1.34
C LEU B 108 -19.38 3.07 -0.04
N VAL B 109 -20.54 2.92 -0.66
CA VAL B 109 -20.88 3.61 -1.92
C VAL B 109 -21.60 4.88 -1.49
N THR B 110 -21.21 6.02 -2.03
CA THR B 110 -21.84 7.30 -1.75
C THR B 110 -22.06 8.06 -3.05
N THR B 111 -22.77 9.20 -2.99
CA THR B 111 -23.01 10.05 -4.17
C THR B 111 -22.03 11.18 -4.04
N PHE B 112 -21.09 11.27 -4.96
CA PHE B 112 -20.10 12.31 -4.93
C PHE B 112 -20.64 13.59 -5.57
N LEU B 113 -21.11 13.51 -6.82
CA LEU B 113 -21.59 14.67 -7.56
C LEU B 113 -22.88 14.40 -8.30
N GLY B 114 -23.63 15.47 -8.52
CA GLY B 114 -24.86 15.40 -9.28
C GLY B 114 -26.09 15.16 -8.44
N THR B 115 -27.21 15.62 -8.94
CA THR B 115 -28.49 15.40 -8.29
C THR B 115 -29.63 15.39 -9.32
N TYR B 117 -34.13 15.82 -9.45
CA TYR B 117 -35.25 16.35 -8.69
C TYR B 117 -36.55 15.67 -9.14
N ASP B 118 -37.67 16.00 -8.45
CA ASP B 118 -39.03 15.48 -8.68
C ASP B 118 -39.06 13.94 -8.59
N GLY B 119 -38.67 13.42 -7.42
CA GLY B 119 -38.58 11.98 -7.16
C GLY B 119 -37.67 11.25 -8.12
N ASN B 120 -36.47 11.86 -8.38
CA ASN B 120 -35.42 11.39 -9.28
C ASN B 120 -35.95 11.10 -10.72
N THR B 121 -36.75 12.02 -11.26
CA THR B 121 -37.32 11.90 -12.62
C THR B 121 -36.69 12.96 -13.56
N LYS B 122 -36.25 14.08 -12.99
CA LYS B 122 -35.70 15.19 -13.78
C LYS B 122 -34.34 15.62 -13.25
N TYR B 123 -33.59 16.30 -14.09
CA TYR B 123 -32.26 16.79 -13.76
C TYR B 123 -31.92 17.96 -14.69
N ASP B 124 -31.07 18.86 -14.21
CA ASP B 124 -30.63 20.01 -15.00
C ASP B 124 -29.19 19.81 -15.48
N LEU B 125 -28.92 20.24 -16.70
CA LEU B 125 -27.62 20.20 -17.31
C LEU B 125 -27.03 21.60 -17.22
N LYS B 126 -26.18 21.83 -16.22
CA LYS B 126 -25.56 23.14 -15.98
C LYS B 126 -24.14 23.03 -15.39
N ASP B 127 -23.34 24.09 -15.59
CA ASP B 127 -22.02 24.24 -14.97
C ASP B 127 -22.30 24.86 -13.59
N GLY B 128 -21.46 24.55 -12.61
CA GLY B 128 -21.66 25.08 -11.26
C GLY B 128 -20.77 24.46 -10.21
N PRO B 129 -20.83 24.97 -8.97
CA PRO B 129 -20.02 24.38 -7.89
C PRO B 129 -20.42 22.92 -7.62
N PHE B 130 -19.60 22.18 -6.86
CA PHE B 130 -19.86 20.78 -6.52
C PHE B 130 -21.26 20.55 -5.91
N ASP B 131 -21.70 21.47 -5.04
CA ASP B 131 -23.00 21.42 -4.39
C ASP B 131 -24.19 21.79 -5.31
N ASP B 132 -23.97 22.40 -6.50
CA ASP B 132 -25.06 22.85 -7.37
C ASP B 132 -24.63 22.83 -8.86
N CYS B 133 -24.38 21.63 -9.38
CA CYS B 133 -23.95 21.43 -10.76
C CYS B 133 -24.98 20.60 -11.56
N GLY B 134 -26.19 20.49 -11.04
CA GLY B 134 -27.28 19.72 -11.66
C GLY B 134 -26.99 18.23 -11.67
N GLY B 135 -27.25 17.59 -12.80
CA GLY B 135 -27.02 16.17 -13.03
C GLY B 135 -26.18 15.98 -14.26
N PHE B 136 -25.53 14.83 -14.38
CA PHE B 136 -24.66 14.51 -15.51
C PHE B 136 -25.48 13.76 -16.55
N GLY B 137 -25.46 14.23 -17.80
CA GLY B 137 -26.17 13.56 -18.88
C GLY B 137 -25.57 12.20 -19.15
N GLY B 138 -24.23 12.14 -19.03
CA GLY B 138 -23.43 10.95 -19.25
C GLY B 138 -22.00 11.14 -18.78
N ALA B 139 -21.40 10.07 -18.24
CA ALA B 139 -20.00 9.98 -17.82
C ALA B 139 -19.54 8.57 -18.12
N VAL B 140 -19.34 8.31 -19.44
CA VAL B 140 -19.02 6.98 -19.99
C VAL B 140 -17.53 6.64 -19.87
N TRP B 141 -16.69 7.67 -19.69
CA TRP B 141 -15.25 7.47 -19.60
C TRP B 141 -14.70 8.54 -18.71
N LEU B 142 -13.97 8.13 -17.66
CA LEU B 142 -13.40 9.05 -16.68
C LEU B 142 -11.88 8.99 -16.78
N SER B 143 -11.20 10.17 -16.81
CA SER B 143 -9.75 10.24 -16.97
C SER B 143 -9.17 11.47 -16.30
N PHE B 144 -8.20 11.25 -15.39
CA PHE B 144 -7.49 12.34 -14.73
C PHE B 144 -6.50 12.96 -15.69
N ASP B 145 -6.22 14.24 -15.51
CA ASP B 145 -5.16 14.90 -16.27
C ASP B 145 -3.84 14.37 -15.67
N PRO B 146 -2.94 13.74 -16.47
CA PRO B 146 -1.69 13.22 -15.89
C PRO B 146 -0.81 14.30 -15.25
N LYS B 147 -0.96 15.58 -15.67
CA LYS B 147 -0.17 16.69 -15.14
C LYS B 147 -0.90 17.47 -14.04
N ASN B 148 -2.16 17.11 -13.79
CA ASN B 148 -2.94 17.77 -12.75
C ASN B 148 -3.98 16.82 -12.19
N HIS B 149 -3.66 16.23 -11.03
CA HIS B 149 -4.51 15.28 -10.35
C HIS B 149 -5.76 15.96 -9.72
N ASN B 150 -5.88 17.30 -9.84
CA ASN B 150 -7.09 17.97 -9.36
C ASN B 150 -8.12 18.07 -10.47
N HIS B 151 -7.72 17.71 -11.70
CA HIS B 151 -8.58 17.81 -12.87
C HIS B 151 -8.99 16.43 -13.37
N LEU B 152 -10.28 16.11 -13.21
CA LEU B 152 -10.85 14.85 -13.65
C LEU B 152 -11.77 15.13 -14.84
N TYR B 153 -11.42 14.60 -16.01
CA TYR B 153 -12.21 14.78 -17.22
C TYR B 153 -13.14 13.60 -17.43
N LEU B 154 -14.27 13.87 -18.10
CA LEU B 154 -15.27 12.86 -18.44
C LEU B 154 -15.84 13.16 -19.83
N VAL B 155 -16.26 12.11 -20.56
CA VAL B 155 -16.93 12.21 -21.84
C VAL B 155 -18.28 11.55 -21.64
N GLY B 156 -19.30 12.01 -22.35
CA GLY B 156 -20.66 11.53 -22.13
C GLY B 156 -21.47 11.15 -23.33
N GLU B 157 -20.82 10.49 -24.33
CA GLU B 157 -21.44 10.05 -25.60
C GLU B 157 -22.00 11.28 -26.32
N GLN B 158 -23.33 11.43 -26.38
CA GLN B 158 -23.96 12.59 -27.03
C GLN B 158 -23.85 13.84 -26.13
N HIS B 159 -23.65 13.65 -24.80
CA HIS B 159 -23.58 14.73 -23.83
C HIS B 159 -22.17 15.36 -23.82
N PRO B 160 -22.00 16.60 -23.30
CA PRO B 160 -20.68 17.24 -23.39
C PRO B 160 -19.54 16.61 -22.60
N THR B 161 -18.30 16.94 -23.02
CA THR B 161 -17.05 16.63 -22.36
C THR B 161 -16.96 17.62 -21.24
N ARG B 162 -16.80 17.13 -20.01
CA ARG B 162 -16.83 18.03 -18.88
C ARG B 162 -15.61 17.84 -17.98
N LEU B 163 -15.40 18.81 -17.05
CA LEU B 163 -14.29 18.80 -16.12
C LEU B 163 -14.78 18.92 -14.68
N ILE B 164 -14.29 18.01 -13.82
CA ILE B 164 -14.50 17.99 -12.37
C ILE B 164 -13.19 18.50 -11.79
N ASP B 165 -13.19 19.74 -11.31
CA ASP B 165 -12.02 20.41 -10.75
C ASP B 165 -12.11 20.33 -9.23
N PHE B 166 -11.25 19.50 -8.61
CA PHE B 166 -11.27 19.28 -7.15
C PHE B 166 -10.73 20.46 -6.36
N GLU B 167 -9.83 21.25 -6.96
CA GLU B 167 -9.21 22.41 -6.32
C GLU B 167 -10.24 23.53 -6.16
N LYS B 168 -10.95 23.87 -7.25
CA LYS B 168 -11.96 24.92 -7.25
C LYS B 168 -13.36 24.42 -6.80
N GLU B 169 -13.56 23.08 -6.70
CA GLU B 169 -14.83 22.41 -6.40
C GLU B 169 -15.89 22.95 -7.38
N TYR B 170 -15.57 22.84 -8.69
CA TYR B 170 -16.42 23.32 -9.77
C TYR B 170 -16.48 22.32 -10.91
N VAL B 171 -17.65 22.24 -11.56
CA VAL B 171 -17.91 21.36 -12.71
C VAL B 171 -18.16 22.26 -13.92
N SER B 172 -17.35 22.10 -14.98
CA SER B 172 -17.45 22.93 -16.19
C SER B 172 -17.54 22.10 -17.45
N THR B 173 -17.95 22.72 -18.55
CA THR B 173 -18.06 22.06 -19.85
C THR B 173 -16.80 22.42 -20.65
N VAL B 174 -16.15 21.42 -21.23
CA VAL B 174 -14.92 21.60 -21.99
C VAL B 174 -15.24 21.67 -23.49
N TYR B 175 -16.11 20.77 -24.01
CA TYR B 175 -16.48 20.75 -25.42
C TYR B 175 -17.83 20.08 -25.65
N SER B 176 -18.69 20.68 -26.47
CA SER B 176 -20.04 20.18 -26.81
C SER B 176 -20.19 19.99 -28.32
N GLY B 177 -21.17 19.18 -28.74
CA GLY B 177 -21.46 19.00 -30.15
C GLY B 177 -21.19 17.67 -30.82
N LEU B 178 -20.22 16.88 -30.32
CA LEU B 178 -19.90 15.59 -30.93
C LEU B 178 -21.00 14.57 -30.60
N SER B 179 -21.41 13.81 -31.62
CA SER B 179 -22.52 12.85 -31.62
C SER B 179 -22.40 11.69 -30.64
N LYS B 180 -21.21 11.05 -30.52
CA LYS B 180 -21.05 9.88 -29.63
C LYS B 180 -19.58 9.71 -29.18
N VAL B 181 -19.14 10.53 -28.19
CA VAL B 181 -17.78 10.47 -27.64
C VAL B 181 -17.62 9.24 -26.72
N ARG B 182 -16.65 8.37 -27.02
CA ARG B 182 -16.47 7.09 -26.34
C ARG B 182 -15.36 7.06 -25.31
N THR B 183 -14.19 7.61 -25.64
CA THR B 183 -13.03 7.55 -24.76
C THR B 183 -12.24 8.83 -24.75
N ILE B 184 -11.31 8.89 -23.76
CA ILE B 184 -10.30 9.90 -23.49
C ILE B 184 -9.00 9.20 -23.26
N CYS B 185 -7.96 9.67 -23.93
CA CYS B 185 -6.60 9.25 -23.64
C CYS B 185 -5.66 10.45 -23.89
N TRP B 186 -4.40 10.30 -23.50
CA TRP B 186 -3.45 11.39 -23.52
C TRP B 186 -2.21 11.03 -24.26
N THR B 187 -1.57 12.04 -24.87
CA THR B 187 -0.28 11.89 -25.52
C THR B 187 0.74 11.69 -24.40
N HIS B 188 1.86 11.02 -24.69
CA HIS B 188 2.87 10.72 -23.68
C HIS B 188 3.29 11.95 -22.87
N GLU B 189 3.42 13.12 -23.51
CA GLU B 189 3.83 14.35 -22.83
C GLU B 189 2.62 15.08 -22.17
N ALA B 190 1.38 14.62 -22.46
CA ALA B 190 0.09 15.12 -21.96
C ALA B 190 -0.17 16.58 -22.42
N ASP B 191 0.45 16.99 -23.54
CA ASP B 191 0.24 18.31 -24.13
C ASP B 191 -1.10 18.32 -24.83
N SER B 192 -1.63 17.11 -25.14
CA SER B 192 -2.89 16.93 -25.85
C SER B 192 -3.76 15.82 -25.28
N ILE B 194 -6.75 13.18 -26.41
CA ILE B 194 -7.36 12.51 -27.56
C ILE B 194 -8.79 12.13 -27.22
N ILE B 195 -9.75 12.64 -28.00
CA ILE B 195 -11.19 12.40 -27.85
C ILE B 195 -11.63 11.57 -29.05
N THR B 196 -12.25 10.42 -28.78
CA THR B 196 -12.69 9.46 -29.80
C THR B 196 -14.22 9.54 -30.02
N ASN B 197 -14.64 9.70 -31.30
CA ASN B 197 -16.03 9.81 -31.71
C ASN B 197 -16.50 8.59 -32.51
N ASP B 198 -17.61 7.99 -32.08
CA ASP B 198 -18.20 6.80 -32.72
C ASP B 198 -19.27 7.25 -33.72
N GLN B 199 -18.92 7.28 -35.02
CA GLN B 199 -19.85 7.70 -36.07
C GLN B 199 -19.66 6.85 -37.34
N ASN B 200 -20.74 6.64 -38.12
CA ASN B 200 -20.80 5.74 -39.29
C ASN B 200 -20.15 6.21 -40.61
N ASN B 201 -19.68 7.47 -40.71
CA ASN B 201 -19.07 7.96 -41.97
C ASN B 201 -17.56 7.77 -41.95
N ASN B 202 -17.02 6.98 -42.89
CA ASN B 202 -15.59 6.68 -42.98
C ASN B 202 -14.74 7.90 -43.41
N ASP B 203 -15.37 8.99 -43.90
CA ASP B 203 -14.65 10.19 -44.33
C ASP B 203 -14.67 11.29 -43.25
N ARG B 204 -15.39 11.03 -42.14
CA ARG B 204 -15.49 11.96 -41.01
CA ARG B 204 -15.52 11.93 -40.99
C ARG B 204 -14.52 11.51 -39.88
N PRO B 205 -14.05 12.41 -38.98
CA PRO B 205 -13.06 11.95 -37.97
C PRO B 205 -13.57 10.99 -36.89
N ASN B 206 -12.64 10.11 -36.43
CA ASN B 206 -12.89 9.20 -35.32
C ASN B 206 -12.11 9.69 -34.12
N ASN B 207 -10.92 10.29 -34.34
CA ASN B 207 -10.07 10.79 -33.26
C ASN B 207 -9.78 12.28 -33.42
N TYR B 208 -10.03 13.01 -32.35
CA TYR B 208 -9.83 14.44 -32.22
C TYR B 208 -8.78 14.70 -31.18
N ILE B 209 -8.03 15.79 -31.33
CA ILE B 209 -6.99 16.19 -30.40
C ILE B 209 -7.36 17.57 -29.79
N LEU B 210 -7.31 17.67 -28.46
CA LEU B 210 -7.61 18.90 -27.72
C LEU B 210 -6.34 19.34 -27.03
N THR B 211 -5.78 20.45 -27.52
CA THR B 211 -4.55 21.08 -27.05
C THR B 211 -4.69 21.64 -25.61
N ARG B 212 -3.63 21.45 -24.78
CA ARG B 212 -3.54 21.93 -23.38
C ARG B 212 -3.46 23.47 -23.34
N GLU B 213 -2.78 24.04 -24.36
CA GLU B 213 -2.54 25.47 -24.60
C GLU B 213 -3.85 26.27 -24.63
N SER B 214 -4.96 25.66 -25.09
CA SER B 214 -6.28 26.28 -25.19
C SER B 214 -7.21 25.92 -24.02
N GLY B 215 -6.67 25.24 -23.02
CA GLY B 215 -7.44 24.76 -21.87
C GLY B 215 -8.33 23.60 -22.24
N PHE B 216 -7.92 22.86 -23.30
CA PHE B 216 -8.58 21.69 -23.90
C PHE B 216 -9.93 22.09 -24.53
N LYS B 217 -10.02 23.30 -25.12
CA LYS B 217 -11.27 23.79 -25.73
C LYS B 217 -11.20 23.89 -27.29
N VAL B 218 -9.98 24.08 -27.89
CA VAL B 218 -9.79 24.14 -29.34
C VAL B 218 -9.51 22.70 -29.86
N ILE B 219 -10.31 22.24 -30.84
CA ILE B 219 -10.25 20.90 -31.43
C ILE B 219 -9.54 20.87 -32.78
N THR B 220 -8.97 19.71 -33.11
CA THR B 220 -8.30 19.39 -34.37
C THR B 220 -8.50 17.90 -34.60
N GLU B 221 -8.67 17.51 -35.85
CA GLU B 221 -8.85 16.14 -36.27
C GLU B 221 -7.47 15.46 -36.26
N LEU B 222 -7.39 14.20 -35.80
CA LEU B 222 -6.14 13.44 -35.76
C LEU B 222 -6.16 12.33 -36.84
N THR B 223 -7.26 11.57 -36.89
CA THR B 223 -7.53 10.50 -37.87
C THR B 223 -9.02 10.55 -38.26
N LYS B 224 -9.35 9.96 -39.41
CA LYS B 224 -10.69 9.80 -39.97
C LYS B 224 -11.03 8.31 -39.93
N GLY B 225 -12.30 7.98 -39.74
CA GLY B 225 -12.72 6.58 -39.74
C GLY B 225 -14.09 6.34 -39.14
N GLN B 226 -14.78 5.32 -39.67
CA GLN B 226 -16.12 4.98 -39.18
C GLN B 226 -16.07 3.96 -38.01
N ASN B 227 -17.13 4.03 -37.19
CA ASN B 227 -17.51 3.17 -36.08
C ASN B 227 -16.34 2.80 -35.14
N CYS B 228 -15.65 3.83 -34.65
CA CYS B 228 -14.56 3.68 -33.71
C CYS B 228 -15.15 3.73 -32.30
N ASN B 229 -14.92 2.68 -31.49
CA ASN B 229 -15.49 2.58 -30.15
C ASN B 229 -14.50 2.97 -29.05
N GLY B 230 -13.37 3.54 -29.43
CA GLY B 230 -12.38 3.98 -28.46
C GLY B 230 -10.97 3.93 -28.97
N ALA B 231 -10.12 4.76 -28.36
CA ALA B 231 -8.70 4.84 -28.67
C ALA B 231 -7.91 4.87 -27.37
N GLU B 232 -6.63 4.49 -27.41
CA GLU B 232 -5.78 4.41 -26.23
C GLU B 232 -4.31 4.50 -26.64
N THR B 233 -3.51 5.29 -25.91
CA THR B 233 -2.10 5.43 -26.17
C THR B 233 -1.30 4.43 -25.34
N HIS B 234 -0.11 4.01 -25.82
CA HIS B 234 0.79 3.13 -25.06
C HIS B 234 1.42 3.98 -23.93
N PRO B 235 1.39 3.55 -22.65
CA PRO B 235 1.86 4.45 -21.58
C PRO B 235 3.37 4.72 -21.56
N ILE B 236 4.18 3.94 -22.30
CA ILE B 236 5.63 4.14 -22.33
C ILE B 236 6.07 4.69 -23.71
N ASN B 237 5.63 4.06 -24.82
CA ASN B 237 6.07 4.44 -26.16
C ASN B 237 5.16 5.51 -26.84
N GLY B 238 4.00 5.80 -26.28
CA GLY B 238 3.12 6.85 -26.75
C GLY B 238 2.30 6.71 -28.02
N GLU B 239 2.38 5.56 -28.74
CA GLU B 239 1.59 5.36 -29.98
C GLU B 239 0.08 5.10 -29.66
N LEU B 240 -0.81 5.39 -30.63
CA LEU B 240 -2.24 5.26 -30.46
C LEU B 240 -2.83 4.00 -31.10
N TYR B 241 -3.67 3.28 -30.34
CA TYR B 241 -4.37 2.09 -30.80
C TYR B 241 -5.86 2.41 -30.80
N PHE B 242 -6.56 2.03 -31.87
CA PHE B 242 -8.01 2.28 -31.94
C PHE B 242 -8.61 1.21 -32.82
N ASN B 243 -9.95 1.17 -32.90
CA ASN B 243 -10.59 0.12 -33.70
C ASN B 243 -11.57 0.68 -34.71
N SER B 244 -12.25 -0.26 -35.38
CA SER B 244 -13.36 -0.13 -36.29
C SER B 244 -14.27 -1.33 -35.99
N TRP B 245 -15.55 -1.04 -35.68
CA TRP B 245 -16.55 -2.05 -35.31
C TRP B 245 -16.86 -3.04 -36.46
N ASN B 246 -16.90 -2.55 -37.71
CA ASN B 246 -17.22 -3.28 -38.93
C ASN B 246 -16.58 -4.70 -39.03
N ALA B 247 -15.25 -4.80 -38.94
CA ALA B 247 -14.55 -6.10 -38.99
C ALA B 247 -13.89 -6.40 -37.64
N GLY B 248 -14.00 -5.47 -36.69
CA GLY B 248 -13.38 -5.57 -35.38
C GLY B 248 -11.88 -5.47 -35.51
N GLN B 249 -11.43 -4.51 -36.35
CA GLN B 249 -10.03 -4.28 -36.66
C GLN B 249 -9.36 -3.29 -35.69
N VAL B 250 -8.15 -3.66 -35.24
CA VAL B 250 -7.28 -2.81 -34.44
C VAL B 250 -6.34 -2.07 -35.41
N PHE B 251 -6.15 -0.76 -35.17
CA PHE B 251 -5.26 0.12 -35.95
C PHE B 251 -4.21 0.72 -35.04
N ARG B 252 -3.02 0.94 -35.57
CA ARG B 252 -1.92 1.56 -34.83
C ARG B 252 -1.56 2.88 -35.49
N TYR B 253 -1.54 3.98 -34.73
CA TYR B 253 -1.20 5.27 -35.29
C TYR B 253 0.07 5.81 -34.64
N ASP B 254 1.06 6.16 -35.47
CA ASP B 254 2.32 6.74 -35.00
C ASP B 254 2.24 8.25 -35.13
N PHE B 255 2.35 8.96 -34.00
CA PHE B 255 2.25 10.41 -33.93
C PHE B 255 3.36 11.15 -34.68
N THR B 256 4.58 10.58 -34.71
CA THR B 256 5.71 11.21 -35.37
C THR B 256 5.61 11.08 -36.90
N THR B 257 5.34 9.87 -37.43
CA THR B 257 5.24 9.63 -38.88
C THR B 257 3.84 9.95 -39.45
N GLN B 258 2.82 10.00 -38.57
CA GLN B 258 1.40 10.22 -38.87
C GLN B 258 0.86 9.07 -39.75
N GLU B 259 1.46 7.87 -39.60
CA GLU B 259 1.11 6.67 -40.32
C GLU B 259 0.23 5.70 -39.50
N THR B 260 -0.89 5.29 -40.11
CA THR B 260 -1.82 4.33 -39.55
C THR B 260 -1.49 2.94 -40.12
N THR B 261 -1.36 1.95 -39.24
CA THR B 261 -1.06 0.59 -39.61
C THR B 261 -2.20 -0.31 -39.14
N PRO B 262 -2.86 -1.08 -40.03
CA PRO B 262 -3.87 -2.05 -39.53
C PRO B 262 -3.11 -3.20 -38.85
N LEU B 263 -3.54 -3.62 -37.66
CA LEU B 263 -2.78 -4.65 -36.93
C LEU B 263 -3.36 -6.06 -37.04
N PHE B 264 -4.53 -6.28 -36.44
CA PHE B 264 -5.18 -7.59 -36.42
C PHE B 264 -6.67 -7.40 -36.20
N THR B 265 -7.43 -8.41 -36.60
CA THR B 265 -8.88 -8.53 -36.42
C THR B 265 -9.07 -9.38 -35.13
N ILE B 266 -10.10 -9.08 -34.31
CA ILE B 266 -10.33 -9.86 -33.08
C ILE B 266 -10.99 -11.21 -33.42
N GLN B 267 -12.16 -11.18 -34.08
CA GLN B 267 -12.93 -12.38 -34.42
C GLN B 267 -13.83 -12.11 -35.65
N ASP B 268 -15.11 -11.78 -35.41
CA ASP B 268 -16.09 -11.57 -36.47
C ASP B 268 -16.52 -10.09 -36.63
N SER B 269 -17.44 -9.85 -37.58
CA SER B 269 -18.02 -8.56 -37.92
C SER B 269 -18.86 -8.01 -36.76
N GLY B 270 -18.91 -6.69 -36.64
CA GLY B 270 -19.66 -6.00 -35.60
C GLY B 270 -19.14 -6.25 -34.20
N TRP B 271 -17.84 -5.96 -34.00
CA TRP B 271 -17.13 -6.15 -32.74
C TRP B 271 -16.85 -4.77 -32.10
N GLU B 272 -17.65 -4.43 -31.09
CA GLU B 272 -17.58 -3.18 -30.36
C GLU B 272 -16.64 -3.37 -29.18
N PHE B 273 -15.46 -2.72 -29.22
CA PHE B 273 -14.50 -2.90 -28.12
C PHE B 273 -13.59 -1.69 -27.87
N HIS B 274 -13.04 -1.64 -26.62
CA HIS B 274 -12.03 -0.64 -26.28
CA HIS B 274 -12.06 -0.66 -26.12
C HIS B 274 -10.77 -1.40 -25.81
N ILE B 275 -9.64 -0.69 -25.83
CA ILE B 275 -8.30 -1.17 -25.49
C ILE B 275 -7.85 -0.38 -24.25
N GLN B 276 -7.40 -1.07 -23.21
CA GLN B 276 -6.92 -0.47 -21.99
C GLN B 276 -5.63 -1.13 -21.60
N PHE B 277 -4.55 -0.34 -21.58
CA PHE B 277 -3.22 -0.80 -21.23
C PHE B 277 -3.00 -0.87 -19.75
N HIS B 278 -2.28 -1.93 -19.33
CA HIS B 278 -1.81 -2.10 -17.97
C HIS B 278 -0.76 -0.97 -17.72
N PRO B 279 -0.64 -0.40 -16.48
CA PRO B 279 0.33 0.70 -16.24
C PRO B 279 1.79 0.46 -16.68
N SER B 280 2.25 -0.81 -16.71
CA SER B 280 3.61 -1.19 -17.17
C SER B 280 3.73 -1.06 -18.70
N GLY B 281 2.60 -1.20 -19.38
CA GLY B 281 2.52 -1.20 -20.83
C GLY B 281 2.89 -2.54 -21.42
N ASN B 282 2.99 -3.60 -20.58
CA ASN B 282 3.35 -4.96 -21.02
C ASN B 282 2.24 -5.68 -21.76
N TYR B 283 0.98 -5.23 -21.55
CA TYR B 283 -0.20 -5.81 -22.20
C TYR B 283 -1.36 -4.88 -22.11
N ALA B 284 -2.41 -5.19 -22.86
CA ALA B 284 -3.66 -4.47 -22.80
C ALA B 284 -4.81 -5.44 -22.71
N TYR B 285 -5.89 -5.03 -22.04
CA TYR B 285 -7.14 -5.76 -22.03
C TYR B 285 -7.96 -5.19 -23.17
N ILE B 286 -8.60 -6.09 -23.94
CA ILE B 286 -9.48 -5.74 -25.04
C ILE B 286 -10.88 -6.14 -24.53
N VAL B 287 -11.68 -5.11 -24.17
CA VAL B 287 -12.99 -5.29 -23.56
C VAL B 287 -14.02 -5.22 -24.64
N VAL B 288 -14.66 -6.40 -24.93
CA VAL B 288 -15.69 -6.50 -25.98
C VAL B 288 -17.08 -6.25 -25.38
N VAL B 289 -17.51 -4.99 -25.49
CA VAL B 289 -18.76 -4.43 -24.98
C VAL B 289 -20.00 -5.22 -25.48
N ASN B 290 -20.08 -5.52 -26.79
CA ASN B 290 -21.28 -6.15 -27.31
C ASN B 290 -21.15 -7.69 -27.43
N GLN B 291 -20.07 -8.30 -26.91
CA GLN B 291 -19.85 -9.75 -27.00
C GLN B 291 -19.57 -10.39 -25.63
N HIS B 292 -19.50 -9.56 -24.60
CA HIS B 292 -19.45 -9.86 -23.16
C HIS B 292 -18.27 -10.73 -22.75
N TYR B 293 -17.06 -10.35 -23.18
CA TYR B 293 -15.84 -11.06 -22.83
C TYR B 293 -14.66 -10.13 -22.96
N ILE B 294 -13.54 -10.54 -22.37
CA ILE B 294 -12.31 -9.76 -22.37
C ILE B 294 -11.15 -10.61 -22.90
N LEU B 295 -10.27 -9.97 -23.67
CA LEU B 295 -9.07 -10.61 -24.19
C LEU B 295 -7.84 -9.89 -23.67
N ARG B 296 -6.70 -10.54 -23.70
CA ARG B 296 -5.43 -9.92 -23.34
C ARG B 296 -4.56 -9.91 -24.58
N SER B 297 -3.93 -8.76 -24.86
CA SER B 297 -3.01 -8.61 -25.99
C SER B 297 -1.66 -8.19 -25.44
N ASP B 298 -0.67 -9.09 -25.52
CA ASP B 298 0.68 -8.82 -25.03
C ASP B 298 1.38 -7.82 -25.94
N TYR B 299 2.15 -6.93 -25.33
CA TYR B 299 2.90 -5.93 -26.07
C TYR B 299 4.29 -6.46 -26.47
N ASP B 300 4.64 -6.35 -27.76
CA ASP B 300 5.96 -6.73 -28.27
C ASP B 300 6.82 -5.47 -28.22
N TRP B 301 7.75 -5.42 -27.25
CA TRP B 301 8.59 -4.24 -27.02
C TRP B 301 9.58 -4.01 -28.16
N LYS B 302 9.94 -5.07 -28.88
CA LYS B 302 10.87 -4.99 -30.00
C LYS B 302 10.22 -4.37 -31.25
N THR B 303 8.97 -4.72 -31.53
CA THR B 303 8.26 -4.21 -32.71
C THR B 303 7.40 -2.99 -32.34
N LYS B 304 7.29 -2.70 -31.02
CA LYS B 304 6.50 -1.59 -30.44
C LYS B 304 5.03 -1.72 -30.92
N ARG B 305 4.48 -2.97 -30.82
CA ARG B 305 3.11 -3.31 -31.23
C ARG B 305 2.41 -4.27 -30.31
N LEU B 306 1.08 -4.15 -30.23
CA LEU B 306 0.22 -5.11 -29.56
C LEU B 306 0.24 -6.37 -30.43
N THR B 307 0.10 -7.55 -29.83
CA THR B 307 0.14 -8.79 -30.64
C THR B 307 -1.19 -9.54 -30.51
N THR B 308 -1.34 -10.64 -31.27
CA THR B 308 -2.52 -11.53 -31.35
C THR B 308 -3.11 -11.77 -29.96
N PRO B 309 -4.38 -11.32 -29.74
CA PRO B 309 -5.02 -11.47 -28.41
C PRO B 309 -5.54 -12.86 -28.10
N TYR B 310 -5.66 -13.16 -26.80
CA TYR B 310 -6.24 -14.44 -26.37
C TYR B 310 -7.29 -14.15 -25.32
N ILE B 311 -8.34 -14.99 -25.24
CA ILE B 311 -9.45 -14.78 -24.28
C ILE B 311 -8.92 -14.94 -22.86
N VAL B 312 -9.31 -14.00 -21.99
CA VAL B 312 -8.95 -14.00 -20.58
C VAL B 312 -10.17 -14.38 -19.73
N CYS B 313 -11.36 -13.84 -20.03
CA CYS B 313 -12.57 -14.17 -19.27
C CYS B 313 -13.84 -13.90 -20.06
N GLY B 314 -14.92 -14.59 -19.68
CA GLY B 314 -16.23 -14.42 -20.29
C GLY B 314 -16.39 -15.35 -21.48
N GLN B 315 -17.63 -15.52 -21.94
CA GLN B 315 -17.98 -16.36 -23.08
C GLN B 315 -18.59 -15.49 -24.19
N GLN B 316 -17.98 -15.51 -25.39
CA GLN B 316 -18.43 -14.74 -26.57
CA GLN B 316 -18.41 -14.74 -26.57
C GLN B 316 -19.94 -14.86 -26.76
N GLY B 317 -20.62 -13.73 -26.71
CA GLY B 317 -22.07 -13.65 -26.89
C GLY B 317 -22.96 -14.17 -25.77
N ALA B 318 -22.36 -14.63 -24.65
CA ALA B 318 -23.14 -15.19 -23.54
C ALA B 318 -23.29 -14.19 -22.38
N LYS B 319 -24.40 -13.44 -22.39
CA LYS B 319 -24.80 -12.42 -21.42
C LYS B 319 -25.26 -13.07 -20.12
N ASP B 320 -24.63 -12.74 -19.01
CA ASP B 320 -25.09 -13.26 -17.72
C ASP B 320 -24.33 -12.59 -16.60
N TRP B 321 -24.65 -12.91 -15.34
CA TRP B 321 -23.94 -12.44 -14.17
C TRP B 321 -23.47 -13.67 -13.43
N VAL B 322 -22.18 -14.00 -13.60
CA VAL B 322 -21.54 -15.21 -13.07
C VAL B 322 -20.11 -14.90 -12.68
N ASP B 323 -19.82 -14.99 -11.38
CA ASP B 323 -18.48 -14.85 -10.85
C ASP B 323 -17.77 -16.21 -11.07
N GLY B 324 -16.51 -16.21 -11.46
CA GLY B 324 -15.78 -17.43 -11.79
C GLY B 324 -14.47 -17.19 -12.49
N VAL B 325 -13.74 -18.27 -12.83
CA VAL B 325 -12.43 -18.21 -13.47
C VAL B 325 -12.55 -18.36 -15.00
N GLY B 326 -11.85 -17.48 -15.72
CA GLY B 326 -11.77 -17.51 -17.17
C GLY B 326 -13.12 -17.46 -17.86
N LYS B 327 -13.35 -18.39 -18.80
CA LYS B 327 -14.56 -18.49 -19.58
C LYS B 327 -15.79 -18.94 -18.75
N LYS B 328 -15.59 -19.37 -17.50
CA LYS B 328 -16.70 -19.72 -16.61
C LYS B 328 -17.34 -18.44 -16.06
N ALA B 329 -16.60 -17.32 -16.08
CA ALA B 329 -17.17 -16.03 -15.65
C ALA B 329 -18.03 -15.45 -16.77
N ARG B 330 -19.06 -14.69 -16.41
CA ARG B 330 -19.98 -14.09 -17.36
C ARG B 330 -20.23 -12.66 -17.02
N HIS B 332 -22.23 -8.80 -18.79
CA HIS B 332 -23.24 -8.27 -19.66
C HIS B 332 -22.98 -6.80 -19.88
N ALA B 333 -22.39 -6.49 -21.05
CA ALA B 333 -21.99 -5.17 -21.57
C ALA B 333 -20.87 -4.56 -20.69
N PRO B 334 -19.65 -5.13 -20.64
CA PRO B 334 -18.60 -4.47 -19.83
C PRO B 334 -18.20 -3.14 -20.45
N ARG B 335 -17.94 -2.13 -19.61
CA ARG B 335 -17.60 -0.80 -20.12
C ARG B 335 -16.19 -0.43 -19.67
N GLN B 336 -15.96 0.76 -19.09
CA GLN B 336 -14.62 1.16 -18.66
C GLN B 336 -14.12 0.33 -17.48
N GLY B 337 -12.80 0.08 -17.49
CA GLY B 337 -12.06 -0.58 -16.42
C GLY B 337 -10.99 0.33 -15.86
N THR B 338 -10.43 -0.04 -14.71
CA THR B 338 -9.38 0.73 -14.05
C THR B 338 -8.43 -0.28 -13.37
N PHE B 339 -7.11 -0.08 -13.54
CA PHE B 339 -6.06 -0.91 -12.92
C PHE B 339 -5.79 -0.38 -11.54
N VAL B 340 -5.99 -1.23 -10.52
CA VAL B 340 -5.84 -0.87 -9.12
C VAL B 340 -4.72 -1.72 -8.48
N LYS B 341 -3.72 -1.04 -7.89
CA LYS B 341 -2.60 -1.71 -7.23
C LYS B 341 -3.07 -2.43 -5.99
N ASN B 342 -2.87 -3.75 -5.95
CA ASN B 342 -3.25 -4.60 -4.84
C ASN B 342 -2.00 -4.88 -3.94
N PRO B 343 -2.02 -4.40 -2.66
CA PRO B 343 -0.87 -4.63 -1.75
C PRO B 343 -0.55 -6.11 -1.51
N ALA B 344 -1.54 -7.02 -1.72
CA ALA B 344 -1.35 -8.47 -1.58
C ALA B 344 -0.46 -9.03 -2.71
N TYR B 345 -0.29 -8.28 -3.82
CA TYR B 345 0.51 -8.76 -4.96
C TYR B 345 1.92 -8.18 -4.98
N LYS B 346 2.34 -7.48 -3.90
CA LYS B 346 3.67 -6.87 -3.82
C LYS B 346 4.78 -7.91 -4.16
N GLY B 347 5.65 -7.54 -5.09
CA GLY B 347 6.73 -8.40 -5.55
C GLY B 347 6.39 -9.24 -6.77
N SER B 348 5.09 -9.42 -7.06
CA SER B 348 4.74 -10.25 -8.22
C SER B 348 4.87 -9.47 -9.54
N SER B 349 4.86 -10.21 -10.66
CA SER B 349 4.96 -9.68 -12.01
C SER B 349 3.82 -8.68 -12.26
N ASP B 350 2.57 -9.03 -11.91
CA ASP B 350 1.42 -8.14 -12.02
C ASP B 350 0.90 -7.75 -10.62
N GLU B 351 1.05 -6.48 -10.24
CA GLU B 351 0.65 -5.99 -8.94
C GLU B 351 -0.74 -5.36 -8.94
N TYR B 352 -1.42 -5.40 -10.07
CA TYR B 352 -2.72 -4.76 -10.19
C TYR B 352 -3.84 -5.72 -10.46
N ASP B 353 -5.03 -5.33 -10.03
CA ASP B 353 -6.32 -5.94 -10.34
C ASP B 353 -7.01 -4.99 -11.35
N PHE B 354 -7.93 -5.53 -12.10
CA PHE B 354 -8.66 -4.73 -13.08
C PHE B 354 -10.15 -4.68 -12.69
N TYR B 355 -10.61 -3.50 -12.23
CA TYR B 355 -11.97 -3.19 -11.80
C TYR B 355 -12.73 -2.61 -12.97
N PHE B 356 -13.89 -3.15 -13.30
CA PHE B 356 -14.61 -2.59 -14.45
C PHE B 356 -16.11 -2.55 -14.22
N CYS B 357 -16.79 -1.65 -14.95
CA CYS B 357 -18.22 -1.53 -14.95
C CYS B 357 -18.82 -2.59 -15.80
N ASP B 358 -19.79 -3.31 -15.25
CA ASP B 358 -20.58 -4.34 -15.94
C ASP B 358 -21.96 -3.71 -16.06
N ARG B 359 -22.12 -2.86 -17.11
CA ARG B 359 -23.27 -2.00 -17.36
C ARG B 359 -24.63 -2.68 -17.16
N GLU B 360 -24.90 -3.81 -17.84
CA GLU B 360 -26.26 -4.39 -17.77
C GLU B 360 -26.45 -5.33 -16.60
N ASN B 361 -25.42 -5.53 -15.80
CA ASN B 361 -25.46 -6.29 -14.57
C ASN B 361 -25.51 -5.32 -13.38
N HIS B 362 -25.40 -4.00 -13.70
CA HIS B 362 -25.47 -2.84 -12.74
C HIS B 362 -24.50 -3.00 -11.56
N CYS B 363 -23.27 -3.38 -11.84
CA CYS B 363 -22.29 -3.60 -10.78
C CYS B 363 -20.85 -3.35 -11.25
N ILE B 364 -19.92 -3.39 -10.30
CA ILE B 364 -18.49 -3.26 -10.54
C ILE B 364 -17.89 -4.63 -10.33
N ARG B 365 -17.12 -5.08 -11.31
CA ARG B 365 -16.48 -6.40 -11.26
C ARG B 365 -14.99 -6.24 -11.07
N ILE B 366 -14.32 -7.30 -10.60
CA ILE B 366 -12.86 -7.33 -10.46
C ILE B 366 -12.33 -8.51 -11.26
N LEU B 367 -11.36 -8.26 -12.15
CA LEU B 367 -10.62 -9.26 -12.92
C LEU B 367 -9.19 -9.28 -12.39
N THR B 368 -8.81 -10.41 -11.74
CA THR B 368 -7.47 -10.60 -11.21
C THR B 368 -6.52 -11.03 -12.33
N PRO B 369 -5.21 -10.83 -12.17
CA PRO B 369 -4.26 -11.23 -13.22
C PRO B 369 -4.31 -12.73 -13.62
N GLN B 370 -4.81 -13.59 -12.69
CA GLN B 370 -4.96 -15.05 -12.85
CA GLN B 370 -4.95 -15.05 -12.86
C GLN B 370 -6.27 -15.43 -13.58
N GLY B 371 -7.10 -14.44 -13.93
CA GLY B 371 -8.35 -14.64 -14.66
C GLY B 371 -9.62 -14.85 -13.85
N ARG B 372 -9.59 -14.60 -12.53
CA ARG B 372 -10.77 -14.74 -11.68
C ARG B 372 -11.61 -13.47 -11.72
N VAL B 373 -12.95 -13.63 -11.89
CA VAL B 373 -13.85 -12.48 -11.89
C VAL B 373 -14.75 -12.61 -10.67
N THR B 374 -14.82 -11.52 -9.88
CA THR B 374 -15.68 -11.39 -8.70
C THR B 374 -16.49 -10.10 -8.83
N THR B 375 -17.44 -9.84 -7.90
CA THR B 375 -18.24 -8.62 -7.93
C THR B 375 -17.82 -7.77 -6.74
N PHE B 376 -17.50 -6.52 -7.01
CA PHE B 376 -17.06 -5.62 -5.97
C PHE B 376 -18.21 -4.88 -5.33
N ALA B 377 -19.11 -4.30 -6.15
CA ALA B 377 -20.17 -3.43 -5.63
C ALA B 377 -21.36 -3.42 -6.53
N GLY B 378 -22.52 -3.24 -5.92
CA GLY B 378 -23.78 -3.19 -6.64
C GLY B 378 -24.61 -4.42 -6.37
N ARG B 379 -25.85 -4.41 -6.93
CA ARG B 379 -26.83 -5.48 -6.82
C ARG B 379 -27.27 -5.71 -5.35
N GLY B 380 -27.20 -4.67 -4.53
CA GLY B 380 -27.68 -4.73 -3.15
C GLY B 380 -29.18 -4.56 -3.07
N SER B 381 -29.72 -4.51 -1.84
CA SER B 381 -31.14 -4.29 -1.55
C SER B 381 -32.10 -5.20 -2.32
N ASN B 382 -31.69 -6.47 -2.52
CA ASN B 382 -32.53 -7.48 -3.18
C ASN B 382 -32.93 -7.06 -4.63
N GLY B 383 -32.01 -6.39 -5.32
CA GLY B 383 -32.26 -5.94 -6.68
C GLY B 383 -31.01 -5.82 -7.53
N THR B 384 -31.19 -5.36 -8.75
CA THR B 384 -30.08 -5.17 -9.68
C THR B 384 -29.95 -3.67 -9.90
N SER B 385 -30.74 -3.11 -10.81
CA SER B 385 -30.69 -1.68 -11.09
C SER B 385 -31.43 -0.90 -10.00
N GLY B 386 -30.97 0.31 -9.76
CA GLY B 386 -31.58 1.21 -8.81
C GLY B 386 -30.64 2.31 -8.40
N TYR B 387 -30.98 2.99 -7.31
CA TYR B 387 -30.16 4.07 -6.76
C TYR B 387 -30.15 3.94 -5.25
N ASN B 388 -29.09 3.33 -4.71
CA ASN B 388 -28.90 3.09 -3.30
C ASN B 388 -27.46 3.21 -2.92
N ASP B 389 -27.19 3.96 -1.84
CA ASP B 389 -25.84 4.14 -1.28
C ASP B 389 -25.69 3.13 -0.13
N GLY B 390 -24.48 3.01 0.43
CA GLY B 390 -24.23 2.10 1.55
C GLY B 390 -23.32 0.93 1.29
N ASP B 391 -23.57 -0.18 2.03
CA ASP B 391 -22.79 -1.42 1.94
C ASP B 391 -22.69 -1.86 0.45
N LEU B 392 -21.43 -2.05 -0.02
CA LEU B 392 -21.07 -2.41 -1.41
C LEU B 392 -21.90 -3.56 -1.99
N ARG B 393 -22.13 -4.63 -1.22
CA ARG B 393 -22.87 -5.79 -1.72
C ARG B 393 -24.28 -5.94 -1.14
N GLN B 394 -24.52 -5.48 0.10
CA GLN B 394 -25.83 -5.63 0.78
C GLN B 394 -26.84 -4.54 0.46
N GLU B 395 -26.39 -3.29 0.23
CA GLU B 395 -27.29 -2.15 0.02
C GLU B 395 -27.14 -1.45 -1.31
N ALA B 396 -25.90 -1.15 -1.71
CA ALA B 396 -25.61 -0.34 -2.89
C ALA B 396 -26.21 -0.86 -4.22
N ARG B 397 -26.75 0.07 -5.03
CA ARG B 397 -27.25 -0.17 -6.36
C ARG B 397 -26.85 0.92 -7.29
N PHE B 398 -26.60 0.55 -8.55
CA PHE B 398 -26.28 1.42 -9.68
C PHE B 398 -27.30 1.20 -10.76
N ASN B 399 -27.37 2.08 -11.73
CA ASN B 399 -28.27 1.92 -12.86
C ASN B 399 -27.50 2.29 -14.12
N HIS B 400 -26.93 1.26 -14.76
CA HIS B 400 -26.09 1.31 -15.96
C HIS B 400 -24.79 2.07 -15.65
N PRO B 401 -23.93 1.56 -14.71
CA PRO B 401 -22.62 2.22 -14.50
C PRO B 401 -21.76 2.10 -15.77
N GLU B 402 -21.06 3.17 -16.19
CA GLU B 402 -20.28 3.12 -17.42
C GLU B 402 -18.83 3.50 -17.23
N GLY B 403 -18.55 4.71 -16.75
CA GLY B 403 -17.19 5.17 -16.52
C GLY B 403 -16.72 4.81 -15.12
N ILE B 404 -15.42 4.61 -14.96
CA ILE B 404 -14.83 4.29 -13.65
C ILE B 404 -13.37 4.71 -13.64
N VAL B 405 -12.94 5.29 -12.52
CA VAL B 405 -11.53 5.59 -12.38
C VAL B 405 -11.16 5.36 -10.91
N TYR B 406 -9.97 4.80 -10.66
CA TYR B 406 -9.49 4.68 -9.29
C TYR B 406 -8.59 5.91 -9.00
N ASP B 407 -8.84 6.60 -7.88
CA ASP B 407 -8.02 7.73 -7.48
C ASP B 407 -7.07 7.27 -6.37
N GLU B 408 -5.79 7.07 -6.70
CA GLU B 408 -4.77 6.60 -5.76
C GLU B 408 -4.49 7.59 -4.62
N GLU B 409 -4.54 8.90 -4.91
CA GLU B 409 -4.29 9.96 -3.94
C GLU B 409 -5.49 10.14 -2.97
N ARG B 410 -6.73 10.09 -3.49
CA ARG B 410 -7.94 10.24 -2.68
C ARG B 410 -8.44 8.88 -2.16
N GLU B 411 -7.78 7.77 -2.56
CA GLU B 411 -8.05 6.36 -2.16
C GLU B 411 -9.53 5.96 -2.34
N CYS B 412 -10.07 6.26 -3.52
CA CYS B 412 -11.47 5.95 -3.80
C CYS B 412 -11.68 5.74 -5.30
N PHE B 413 -12.85 5.22 -5.64
CA PHE B 413 -13.35 5.06 -6.99
C PHE B 413 -14.38 6.11 -7.28
N PHE B 414 -14.40 6.61 -8.52
CA PHE B 414 -15.42 7.52 -9.05
C PHE B 414 -16.09 6.77 -10.19
N ILE B 415 -17.43 6.65 -10.13
CA ILE B 415 -18.19 5.89 -11.12
C ILE B 415 -19.21 6.78 -11.81
N GLY B 416 -19.29 6.65 -13.15
CA GLY B 416 -20.29 7.31 -13.98
C GLY B 416 -21.54 6.44 -14.03
N ASP B 417 -22.49 6.72 -13.15
CA ASP B 417 -23.75 5.95 -13.00
C ASP B 417 -24.80 6.59 -13.89
N ARG B 418 -24.89 6.10 -15.15
CA ARG B 418 -25.67 6.70 -16.24
C ARG B 418 -27.10 7.12 -15.86
N GLU B 419 -28.02 6.19 -15.54
CA GLU B 419 -29.43 6.54 -15.33
C GLU B 419 -29.67 7.31 -14.05
N ASN B 420 -28.71 7.30 -13.11
CA ASN B 420 -28.86 8.03 -11.87
C ASN B 420 -28.32 9.48 -12.02
N ARG B 421 -27.67 9.79 -13.18
CA ARG B 421 -27.15 11.12 -13.55
C ARG B 421 -26.20 11.68 -12.50
N ARG B 422 -25.46 10.77 -11.85
CA ARG B 422 -24.55 11.09 -10.78
C ARG B 422 -23.20 10.43 -10.94
N ILE B 423 -22.20 11.00 -10.26
CA ILE B 423 -20.85 10.47 -10.08
C ILE B 423 -20.91 9.81 -8.70
N ARG B 424 -20.77 8.50 -8.66
CA ARG B 424 -20.80 7.80 -7.37
C ARG B 424 -19.38 7.64 -6.86
N LYS B 425 -19.22 7.50 -5.55
CA LYS B 425 -17.91 7.31 -4.96
C LYS B 425 -17.89 6.00 -4.15
N ILE B 426 -16.76 5.28 -4.20
CA ILE B 426 -16.56 4.09 -3.36
C ILE B 426 -15.28 4.30 -2.62
N GLY B 427 -15.38 4.48 -1.31
CA GLY B 427 -14.22 4.69 -0.44
C GLY B 427 -14.56 4.30 0.99
N TYR B 428 -13.58 4.33 1.90
CA TYR B 428 -13.79 4.05 3.33
C TYR B 428 -14.64 5.15 3.99
N GLU B 429 -15.37 4.76 5.07
CA GLU B 429 -16.10 5.68 5.96
C GLU B 429 -15.17 6.85 6.37
N GLU B 430 -15.68 8.09 6.45
CA GLU B 430 -14.88 9.26 6.83
C GLU B 430 -15.33 9.92 8.15
#